data_6B4H
#
_entry.id   6B4H
#
_cell.length_a   119.160
_cell.length_b   73.276
_cell.length_c   117.665
_cell.angle_alpha   90.00
_cell.angle_beta   94.20
_cell.angle_gamma   90.00
#
_symmetry.space_group_name_H-M   'C 1 2 1'
#
loop_
_entity.id
_entity.type
_entity.pdbx_description
1 polymer 'Nucleoporin AMO1'
2 polymer 'Nucleoporin GLE1'
3 non-polymer 'INOSITOL HEXAKISPHOSPHATE'
4 non-polymer '2-(N-MORPHOLINO)-ETHANESULFONIC ACID'
5 non-polymer 'ZINC ION'
6 water water
#
loop_
_entity_poly.entity_id
_entity_poly.type
_entity_poly.pdbx_seq_one_letter_code
_entity_poly.pdbx_strand_id
1 'polypeptide(L)' GPHMGSPEFDGTLVRIWMPDGAPAYTADTEAEDPKVYEDEGVKRQWQSFLEKGRFEGGMPEVPPRREWCVWDF D,B
2 'polypeptide(L)'
;GPHMRYVEIHRNLKGLRKYMAEQAKTNLKLKQRMGDMRREIRKSVGQLTTGGMAANKDKQQKIKSILTEALSNQVESALV
DPNNFVVEPRKPVEGATNNDPLLPSIFVYLINIFAKAAISQFINEAGARPETADPVGICVAAILSEPDFLWRGASLIDIL
IAKFRIVCPVLFGYRGSEKTEQGRQRLGWWKESGQWISEQQHMDRMTGLGAGFAAISLRKFALSKKQNPYPPRFYWMAMA
KIVNTPPAEISNTQCVVLKAMVQNYEAKFIEFYGSAAIAALRTALIDFPARAPHKSAAVNSLEVLAQMLKRDTGLDLG
;
A,C
#
# COMPACT_ATOMS: atom_id res chain seq x y z
N ASP A 10 -10.97 13.85 -21.00
CA ASP A 10 -11.94 12.76 -21.02
C ASP A 10 -12.26 12.35 -22.45
N GLY A 11 -11.34 11.64 -23.09
CA GLY A 11 -11.47 11.29 -24.50
C GLY A 11 -11.10 12.42 -25.44
N THR A 12 -11.67 13.60 -25.23
CA THR A 12 -11.31 14.80 -25.98
C THR A 12 -10.97 15.91 -25.00
N LEU A 13 -10.71 17.09 -25.54
CA LEU A 13 -10.36 18.24 -24.72
C LEU A 13 -11.48 18.57 -23.72
N VAL A 14 -11.07 18.97 -22.52
CA VAL A 14 -11.99 19.41 -21.46
C VAL A 14 -11.61 20.84 -21.09
N ARG A 15 -12.61 21.71 -21.00
CA ARG A 15 -12.43 23.08 -20.54
C ARG A 15 -12.94 23.20 -19.11
N ILE A 16 -12.08 23.66 -18.20
CA ILE A 16 -12.43 23.74 -16.79
C ILE A 16 -12.95 25.13 -16.42
N TRP A 17 -12.25 26.18 -16.85
CA TRP A 17 -12.59 27.54 -16.46
C TRP A 17 -13.58 28.14 -17.45
N MET A 18 -14.80 28.46 -16.97
CA MET A 18 -15.85 28.98 -17.83
C MET A 18 -15.79 30.50 -17.93
N PRO A 19 -15.65 31.23 -16.82
CA PRO A 19 -15.68 32.70 -16.91
C PRO A 19 -14.70 33.28 -17.92
N ASP A 20 -15.00 34.48 -18.41
CA ASP A 20 -14.15 35.19 -19.36
C ASP A 20 -13.09 35.95 -18.59
N GLY A 21 -11.93 35.33 -18.40
CA GLY A 21 -10.82 35.95 -17.70
C GLY A 21 -10.74 35.50 -16.25
N ALA A 22 -9.60 35.82 -15.64
CA ALA A 22 -9.33 35.41 -14.28
C ALA A 22 -10.26 36.15 -13.30
N PRO A 23 -10.49 35.59 -12.11
CA PRO A 23 -11.34 36.26 -11.15
C PRO A 23 -10.74 37.57 -10.69
N ALA A 24 -11.60 38.50 -10.27
CA ALA A 24 -11.14 39.77 -9.74
C ALA A 24 -10.20 39.55 -8.58
N TYR A 25 -9.23 40.45 -8.45
CA TYR A 25 -8.27 40.38 -7.36
C TYR A 25 -8.98 40.37 -6.02
N THR A 26 -8.54 39.46 -5.13
CA THR A 26 -8.98 39.44 -3.75
C THR A 26 -7.78 39.05 -2.89
N ALA A 27 -7.61 39.77 -1.77
CA ALA A 27 -6.53 39.42 -0.85
C ALA A 27 -6.82 38.16 -0.05
N ASP A 28 -8.06 37.64 -0.11
CA ASP A 28 -8.46 36.53 0.76
C ASP A 28 -7.68 35.26 0.47
N THR A 29 -7.19 35.09 -0.76
CA THR A 29 -6.44 33.90 -1.14
C THR A 29 -4.95 34.04 -0.90
N GLU A 30 -4.45 35.27 -0.72
CA GLU A 30 -3.04 35.51 -0.56
C GLU A 30 -2.65 35.44 0.92
N ALA A 31 -1.33 35.37 1.16
CA ALA A 31 -0.81 35.31 2.52
C ALA A 31 -1.43 36.41 3.37
N GLU A 32 -1.62 36.11 4.66
CA GLU A 32 -2.26 37.06 5.56
C GLU A 32 -1.48 38.38 5.62
N ASP A 33 -0.16 38.30 5.69
CA ASP A 33 0.69 39.49 5.64
C ASP A 33 1.56 39.43 4.40
N PRO A 34 1.36 40.30 3.41
CA PRO A 34 2.16 40.21 2.18
C PRO A 34 3.65 40.48 2.37
N LYS A 35 4.10 40.81 3.58
CA LYS A 35 5.53 40.99 3.82
C LYS A 35 6.32 39.69 3.68
N VAL A 36 5.65 38.54 3.63
CA VAL A 36 6.36 37.26 3.56
C VAL A 36 6.81 36.93 2.15
N TYR A 37 6.26 37.59 1.13
CA TYR A 37 6.63 37.27 -0.25
C TYR A 37 7.99 37.83 -0.62
N GLU A 38 8.51 38.79 0.16
CA GLU A 38 9.87 39.29 -0.04
C GLU A 38 10.89 38.55 0.83
N ASP A 39 10.53 37.38 1.35
CA ASP A 39 11.45 36.53 2.07
C ASP A 39 12.09 35.53 1.12
N GLU A 40 13.38 35.28 1.30
CA GLU A 40 14.08 34.34 0.42
C GLU A 40 13.52 32.93 0.54
N GLY A 41 13.04 32.55 1.72
CA GLY A 41 12.44 31.24 1.88
C GLY A 41 11.20 31.06 1.04
N VAL A 42 10.28 32.02 1.11
CA VAL A 42 9.04 31.95 0.33
C VAL A 42 9.35 31.99 -1.16
N LYS A 43 10.32 32.83 -1.55
CA LYS A 43 10.68 32.92 -2.97
C LYS A 43 11.23 31.60 -3.47
N ARG A 44 11.98 30.88 -2.62
CA ARG A 44 12.55 29.60 -3.05
C ARG A 44 11.47 28.54 -3.17
N GLN A 45 10.54 28.48 -2.23
CA GLN A 45 9.44 27.53 -2.32
C GLN A 45 8.67 27.70 -3.63
N TRP A 46 8.44 28.95 -4.03
CA TRP A 46 7.67 29.24 -5.23
C TRP A 46 8.51 29.34 -6.50
N GLN A 47 9.84 29.34 -6.38
CA GLN A 47 10.68 29.46 -7.55
C GLN A 47 10.44 28.33 -8.54
N SER A 48 10.32 27.10 -8.03
CA SER A 48 10.09 25.95 -8.90
C SER A 48 8.77 26.05 -9.64
N PHE A 49 7.74 26.62 -9.01
CA PHE A 49 6.42 26.66 -9.64
C PHE A 49 6.42 27.63 -10.82
N LEU A 50 6.98 28.83 -10.62
CA LEU A 50 7.01 29.80 -11.71
C LEU A 50 7.77 29.27 -12.91
N GLU A 51 8.89 28.57 -12.68
CA GLU A 51 9.69 28.01 -13.76
C GLU A 51 8.99 26.83 -14.42
N LYS A 52 8.81 25.74 -13.68
CA LYS A 52 8.35 24.48 -14.25
C LYS A 52 6.83 24.32 -14.22
N GLY A 53 6.12 25.13 -13.44
CA GLY A 53 4.68 25.01 -13.37
C GLY A 53 4.19 23.86 -12.52
N ARG A 54 5.00 23.39 -11.58
CA ARG A 54 4.58 22.34 -10.66
C ARG A 54 5.53 22.33 -9.46
N PHE A 55 5.12 21.63 -8.41
CA PHE A 55 5.89 21.58 -7.17
C PHE A 55 6.84 20.39 -7.19
N GLU A 56 8.10 20.64 -6.84
CA GLU A 56 9.11 19.59 -6.76
C GLU A 56 9.47 19.27 -5.31
N GLY A 57 9.96 20.26 -4.56
CA GLY A 57 10.30 20.04 -3.17
C GLY A 57 9.12 19.87 -2.25
N GLY A 58 7.90 20.01 -2.75
CA GLY A 58 6.69 19.94 -1.95
C GLY A 58 5.85 21.17 -2.13
N MET A 59 4.68 21.15 -1.47
CA MET A 59 3.73 22.24 -1.59
C MET A 59 4.21 23.43 -0.75
N PRO A 60 4.29 24.64 -1.32
CA PRO A 60 4.66 25.80 -0.50
C PRO A 60 3.64 26.04 0.60
N GLU A 61 4.14 26.39 1.79
CA GLU A 61 3.29 26.61 2.94
C GLU A 61 2.59 27.96 2.90
N VAL A 62 3.13 28.91 2.14
CA VAL A 62 2.52 30.22 1.95
C VAL A 62 1.74 30.19 0.64
N PRO A 63 0.46 30.58 0.63
CA PRO A 63 -0.29 30.56 -0.63
C PRO A 63 0.27 31.55 -1.62
N PRO A 64 -0.03 31.39 -2.90
CA PRO A 64 0.59 32.24 -3.91
C PRO A 64 0.00 33.64 -3.93
N ARG A 65 0.76 34.55 -4.55
CA ARG A 65 0.18 35.78 -5.05
C ARG A 65 -0.66 35.45 -6.27
N ARG A 66 -1.76 36.19 -6.44
CA ARG A 66 -2.68 35.90 -7.54
C ARG A 66 -2.02 36.10 -8.90
N GLU A 67 -1.01 36.96 -8.98
CA GLU A 67 -0.30 37.17 -10.25
C GLU A 67 0.47 35.93 -10.69
N TRP A 68 0.81 35.04 -9.76
CA TRP A 68 1.53 33.81 -10.07
C TRP A 68 0.62 32.71 -10.59
N CYS A 69 -0.70 32.89 -10.54
CA CYS A 69 -1.66 31.89 -10.98
C CYS A 69 -2.26 32.28 -12.32
N VAL A 70 -2.66 31.27 -13.10
CA VAL A 70 -3.39 31.48 -14.34
C VAL A 70 -4.62 30.60 -14.34
N TRP A 71 -5.66 31.06 -15.03
CA TRP A 71 -6.95 30.37 -15.09
C TRP A 71 -7.36 30.01 -16.51
N ASP A 72 -6.39 29.80 -17.40
CA ASP A 72 -6.69 29.54 -18.81
C ASP A 72 -6.47 28.07 -19.12
N PHE A 73 -7.37 27.24 -18.61
CA PHE A 73 -7.36 25.81 -18.89
C PHE A 73 -8.75 25.21 -18.63
N GLY B 1 27.03 -21.01 4.12
CA GLY B 1 26.54 -20.13 3.07
C GLY B 1 25.06 -20.33 2.82
N PRO B 2 24.66 -20.40 1.54
CA PRO B 2 23.25 -20.65 1.25
C PRO B 2 22.72 -21.93 1.89
N HIS B 3 23.53 -22.99 1.96
CA HIS B 3 23.11 -24.22 2.62
C HIS B 3 22.75 -23.94 4.08
N MET B 4 23.65 -23.30 4.82
CA MET B 4 23.37 -22.97 6.22
C MET B 4 22.08 -22.17 6.35
N ARG B 5 21.90 -21.16 5.49
CA ARG B 5 20.75 -20.26 5.64
C ARG B 5 19.43 -20.99 5.38
N TYR B 6 19.37 -21.83 4.35
CA TYR B 6 18.13 -22.55 4.08
C TYR B 6 17.77 -23.48 5.23
N VAL B 7 18.77 -24.06 5.90
CA VAL B 7 18.50 -24.85 7.09
C VAL B 7 17.94 -23.96 8.21
N GLU B 8 18.48 -22.75 8.36
CA GLU B 8 17.95 -21.83 9.37
C GLU B 8 16.53 -21.38 9.02
N ILE B 9 16.27 -21.07 7.75
CA ILE B 9 14.90 -20.73 7.35
C ILE B 9 13.95 -21.87 7.68
N HIS B 10 14.36 -23.10 7.40
CA HIS B 10 13.51 -24.27 7.62
C HIS B 10 13.14 -24.41 9.09
N ARG B 11 14.12 -24.19 9.98
CA ARG B 11 13.85 -24.29 11.41
C ARG B 11 13.07 -23.09 11.92
N ASN B 12 13.29 -21.91 11.34
CA ASN B 12 12.49 -20.75 11.70
C ASN B 12 11.03 -20.97 11.35
N LEU B 13 10.77 -21.64 10.22
CA LEU B 13 9.39 -21.89 9.81
C LEU B 13 8.71 -22.88 10.75
N LYS B 14 9.45 -23.88 11.24
CA LYS B 14 8.92 -24.78 12.25
C LYS B 14 8.49 -24.02 13.50
N GLY B 15 9.32 -23.09 13.95
CA GLY B 15 8.98 -22.32 15.13
C GLY B 15 7.81 -21.39 14.90
N LEU B 16 7.73 -20.77 13.72
CA LEU B 16 6.58 -19.94 13.40
C LEU B 16 5.29 -20.74 13.52
N ARG B 17 5.25 -21.93 12.94
CA ARG B 17 4.04 -22.76 13.00
C ARG B 17 3.67 -23.09 14.44
N LYS B 18 4.67 -23.43 15.25
CA LYS B 18 4.41 -23.63 16.68
C LYS B 18 3.83 -22.37 17.31
N TYR B 19 4.41 -21.22 17.00
CA TYR B 19 3.98 -19.97 17.63
C TYR B 19 2.59 -19.55 17.17
N MET B 20 2.19 -19.95 15.96
CA MET B 20 0.82 -19.66 15.52
C MET B 20 -0.18 -20.37 16.41
N ALA B 21 0.10 -21.62 16.78
CA ALA B 21 -0.77 -22.36 17.69
C ALA B 21 -0.80 -21.71 19.07
N GLU B 22 0.35 -21.19 19.53
CA GLU B 22 0.38 -20.52 20.82
C GLU B 22 -0.42 -19.22 20.79
N GLN B 23 -0.31 -18.46 19.69
CA GLN B 23 -1.11 -17.25 19.54
C GLN B 23 -2.59 -17.54 19.62
N ALA B 24 -3.02 -18.66 19.03
CA ALA B 24 -4.44 -18.97 18.97
C ALA B 24 -5.03 -19.20 20.35
N LYS B 25 -4.20 -19.52 21.34
CA LYS B 25 -4.70 -19.71 22.71
C LYS B 25 -5.06 -18.40 23.38
N THR B 26 -4.60 -17.26 22.83
CA THR B 26 -4.89 -15.96 23.40
C THR B 26 -5.54 -15.01 22.41
N ASN B 27 -5.70 -15.40 21.14
CA ASN B 27 -6.27 -14.53 20.11
C ASN B 27 -7.49 -15.25 19.52
N LEU B 28 -8.68 -14.81 19.93
CA LEU B 28 -9.89 -15.48 19.50
C LEU B 28 -10.14 -15.30 18.00
N LYS B 29 -9.87 -14.10 17.48
CA LYS B 29 -10.07 -13.87 16.06
C LYS B 29 -9.14 -14.74 15.22
N LEU B 30 -7.89 -14.90 15.67
CA LEU B 30 -6.97 -15.81 15.00
C LEU B 30 -7.47 -17.24 15.08
N LYS B 31 -7.91 -17.66 16.27
CA LYS B 31 -8.42 -19.02 16.44
C LYS B 31 -9.59 -19.30 15.50
N GLN B 32 -10.47 -18.31 15.29
CA GLN B 32 -11.67 -18.53 14.49
C GLN B 32 -11.37 -18.74 13.02
N ARG B 33 -10.32 -18.09 12.49
CA ARG B 33 -10.06 -18.12 11.05
C ARG B 33 -8.86 -18.97 10.64
N MET B 34 -7.87 -19.15 11.52
CA MET B 34 -6.59 -19.70 11.08
C MET B 34 -6.76 -21.11 10.50
N GLY B 35 -7.48 -21.98 11.20
CA GLY B 35 -7.64 -23.34 10.74
C GLY B 35 -8.34 -23.41 9.39
N ASP B 36 -9.39 -22.61 9.19
CA ASP B 36 -10.11 -22.61 7.93
C ASP B 36 -9.22 -22.15 6.78
N MET B 37 -8.45 -21.09 7.00
CA MET B 37 -7.54 -20.61 5.95
C MET B 37 -6.55 -21.69 5.56
N ARG B 38 -5.98 -22.39 6.54
N ARG B 38 -5.98 -22.38 6.54
CA ARG B 38 -5.04 -23.46 6.25
CA ARG B 38 -5.04 -23.46 6.26
C ARG B 38 -5.71 -24.55 5.41
C ARG B 38 -5.71 -24.55 5.41
N ARG B 39 -6.86 -25.03 5.84
CA ARG B 39 -7.52 -26.12 5.12
C ARG B 39 -7.96 -25.68 3.73
N GLU B 40 -8.32 -24.40 3.56
CA GLU B 40 -8.75 -23.92 2.25
C GLU B 40 -7.58 -23.85 1.27
N ILE B 41 -6.41 -23.42 1.75
CA ILE B 41 -5.23 -23.40 0.89
C ILE B 41 -4.87 -24.82 0.46
N ARG B 42 -4.82 -25.75 1.42
CA ARG B 42 -4.45 -27.13 1.11
C ARG B 42 -5.47 -27.76 0.16
N LYS B 43 -6.75 -27.53 0.38
CA LYS B 43 -7.78 -28.06 -0.51
C LYS B 43 -7.60 -27.52 -1.92
N SER B 44 -7.41 -26.21 -2.06
CA SER B 44 -7.26 -25.61 -3.39
C SER B 44 -6.02 -26.15 -4.10
N VAL B 45 -4.90 -26.26 -3.40
CA VAL B 45 -3.70 -26.82 -4.03
C VAL B 45 -3.95 -28.26 -4.46
N GLY B 46 -4.60 -29.05 -3.60
CA GLY B 46 -4.86 -30.44 -3.89
C GLY B 46 -5.75 -30.66 -5.11
N GLN B 47 -6.48 -29.64 -5.54
CA GLN B 47 -7.36 -29.74 -6.69
C GLN B 47 -6.72 -29.28 -7.99
N LEU B 48 -5.47 -28.81 -7.95
CA LEU B 48 -4.80 -28.38 -9.18
C LEU B 48 -4.44 -29.58 -10.05
N THR B 49 -3.87 -30.62 -9.46
CA THR B 49 -3.43 -31.79 -10.21
C THR B 49 -4.57 -32.43 -11.00
N THR B 50 -5.82 -32.22 -10.58
CA THR B 50 -6.97 -32.81 -11.25
C THR B 50 -7.92 -31.72 -11.73
N GLY B 51 -7.41 -30.76 -12.50
CA GLY B 51 -8.23 -29.67 -12.98
C GLY B 51 -7.68 -29.09 -14.28
N GLY B 52 -8.58 -28.42 -15.00
CA GLY B 52 -8.22 -27.75 -16.24
C GLY B 52 -7.71 -26.35 -16.00
N MET B 53 -7.43 -25.65 -17.11
CA MET B 53 -6.83 -24.32 -17.02
C MET B 53 -7.73 -23.35 -16.26
N ALA B 54 -9.04 -23.35 -16.57
CA ALA B 54 -9.95 -22.41 -15.92
C ALA B 54 -10.25 -22.82 -14.49
N ALA B 55 -10.42 -24.13 -14.24
CA ALA B 55 -10.62 -24.59 -12.88
C ALA B 55 -9.40 -24.32 -12.01
N ASN B 56 -8.20 -24.37 -12.59
CA ASN B 56 -6.98 -24.10 -11.83
C ASN B 56 -6.85 -22.61 -11.53
N LYS B 57 -7.22 -21.75 -12.48
CA LYS B 57 -7.17 -20.32 -12.24
C LYS B 57 -8.12 -19.93 -11.14
N ASP B 58 -9.26 -20.61 -11.02
CA ASP B 58 -10.19 -20.36 -9.92
C ASP B 58 -9.55 -20.73 -8.59
N LYS B 59 -8.91 -21.90 -8.52
CA LYS B 59 -8.23 -22.28 -7.29
C LYS B 59 -7.13 -21.29 -6.93
N GLN B 60 -6.46 -20.74 -7.93
CA GLN B 60 -5.42 -19.75 -7.70
C GLN B 60 -5.99 -18.48 -7.09
N GLN B 61 -7.09 -17.98 -7.65
CA GLN B 61 -7.72 -16.80 -7.10
C GLN B 61 -8.20 -17.04 -5.68
N LYS B 62 -8.62 -18.27 -5.37
N LYS B 62 -8.61 -18.28 -5.37
CA LYS B 62 -9.06 -18.58 -4.02
CA LYS B 62 -9.05 -18.60 -4.03
C LYS B 62 -7.89 -18.49 -3.03
C LYS B 62 -7.91 -18.53 -3.02
N ILE B 63 -6.73 -19.04 -3.40
CA ILE B 63 -5.56 -18.92 -2.55
C ILE B 63 -5.15 -17.46 -2.39
N LYS B 64 -5.18 -16.70 -3.49
CA LYS B 64 -4.79 -15.29 -3.42
C LYS B 64 -5.71 -14.52 -2.50
N SER B 65 -7.00 -14.86 -2.48
CA SER B 65 -7.94 -14.17 -1.60
C SER B 65 -7.63 -14.44 -0.14
N ILE B 66 -7.25 -15.68 0.18
CA ILE B 66 -6.89 -16.02 1.57
C ILE B 66 -5.61 -15.28 1.97
N LEU B 67 -4.61 -15.26 1.09
CA LEU B 67 -3.37 -14.57 1.43
C LEU B 67 -3.57 -13.06 1.52
N THR B 68 -4.42 -12.50 0.64
CA THR B 68 -4.76 -11.09 0.75
C THR B 68 -5.42 -10.79 2.10
N GLU B 69 -6.31 -11.68 2.55
CA GLU B 69 -6.92 -11.50 3.87
C GLU B 69 -5.88 -11.63 4.97
N ALA B 70 -4.96 -12.57 4.84
CA ALA B 70 -3.92 -12.75 5.86
C ALA B 70 -3.04 -11.51 5.94
N LEU B 71 -2.74 -10.88 4.79
CA LEU B 71 -1.83 -9.74 4.80
C LEU B 71 -2.49 -8.51 5.42
N SER B 72 -3.80 -8.35 5.24
CA SER B 72 -4.50 -7.25 5.93
C SER B 72 -4.47 -7.43 7.44
N ASN B 73 -4.32 -8.68 7.93
CA ASN B 73 -4.08 -8.97 9.34
C ASN B 73 -5.22 -8.46 10.22
N GLN B 74 -6.46 -8.74 9.81
CA GLN B 74 -7.60 -8.40 10.65
C GLN B 74 -7.69 -9.32 11.87
N VAL B 75 -7.15 -10.53 11.77
CA VAL B 75 -7.03 -11.39 12.94
C VAL B 75 -6.05 -10.84 13.96
N GLU B 76 -5.30 -9.80 13.61
CA GLU B 76 -4.39 -9.13 14.53
C GLU B 76 -3.34 -10.10 15.08
N SER B 77 -2.76 -10.90 14.19
CA SER B 77 -1.66 -11.77 14.60
C SER B 77 -0.39 -10.94 14.79
N ALA B 78 0.52 -11.48 15.59
CA ALA B 78 1.78 -10.81 15.84
C ALA B 78 2.55 -10.59 14.54
N LEU B 79 3.35 -9.54 14.52
CA LEU B 79 4.21 -9.21 13.38
C LEU B 79 5.57 -9.88 13.55
N VAL B 80 6.23 -10.14 12.42
CA VAL B 80 7.53 -10.81 12.41
C VAL B 80 8.43 -10.17 11.37
N ASP B 81 9.73 -10.32 11.59
CA ASP B 81 10.77 -9.82 10.70
C ASP B 81 10.95 -10.80 9.54
N PRO B 82 10.58 -10.43 8.30
CA PRO B 82 10.70 -11.40 7.20
C PRO B 82 12.13 -11.81 6.88
N ASN B 83 13.13 -11.12 7.44
CA ASN B 83 14.51 -11.51 7.21
C ASN B 83 14.82 -12.89 7.79
N ASN B 84 13.98 -13.39 8.69
CA ASN B 84 14.16 -14.74 9.21
C ASN B 84 13.82 -15.82 8.18
N PHE B 85 13.21 -15.45 7.05
CA PHE B 85 12.72 -16.43 6.10
C PHE B 85 13.23 -16.16 4.68
N VAL B 86 14.27 -15.34 4.53
CA VAL B 86 14.91 -15.11 3.24
C VAL B 86 16.42 -15.24 3.42
N VAL B 87 17.08 -15.67 2.35
CA VAL B 87 18.50 -16.01 2.42
C VAL B 87 19.32 -14.76 2.77
N GLU B 88 19.29 -13.77 1.90
CA GLU B 88 20.06 -12.55 2.12
C GLU B 88 19.14 -11.46 2.65
N PRO B 89 19.52 -10.76 3.73
CA PRO B 89 18.63 -9.73 4.26
C PRO B 89 18.37 -8.64 3.23
N ARG B 90 17.14 -8.13 3.22
CA ARG B 90 16.71 -7.14 2.26
C ARG B 90 16.55 -5.78 2.91
N LYS B 91 16.87 -4.73 2.15
CA LYS B 91 16.66 -3.35 2.56
C LYS B 91 15.63 -2.70 1.66
N PRO B 92 15.07 -1.57 2.08
CA PRO B 92 13.98 -0.97 1.30
C PRO B 92 14.38 -0.68 -0.14
N VAL B 93 13.45 -0.92 -1.06
CA VAL B 93 13.63 -0.68 -2.49
C VAL B 93 12.66 0.39 -2.92
N GLU B 94 13.16 1.38 -3.66
CA GLU B 94 12.31 2.49 -4.10
C GLU B 94 11.19 1.98 -5.00
N GLY B 95 9.97 2.42 -4.71
CA GLY B 95 8.82 2.07 -5.50
C GLY B 95 8.22 0.71 -5.21
N ALA B 96 8.74 -0.03 -4.24
CA ALA B 96 8.23 -1.35 -3.92
C ALA B 96 6.88 -1.26 -3.23
N THR B 97 6.07 -2.31 -3.41
CA THR B 97 4.74 -2.32 -2.83
C THR B 97 4.76 -2.44 -1.31
N ASN B 98 5.80 -3.06 -0.75
CA ASN B 98 5.80 -3.35 0.68
C ASN B 98 7.25 -3.30 1.19
N ASN B 99 7.64 -2.13 1.70
CA ASN B 99 8.95 -1.93 2.30
C ASN B 99 8.91 -2.02 3.83
N ASP B 100 7.80 -2.45 4.40
CA ASP B 100 7.69 -2.49 5.85
C ASP B 100 8.70 -3.47 6.42
N PRO B 101 9.32 -3.16 7.57
CA PRO B 101 10.27 -4.11 8.18
C PRO B 101 9.61 -5.31 8.84
N LEU B 102 8.29 -5.34 8.97
CA LEU B 102 7.59 -6.43 9.62
C LEU B 102 6.41 -6.87 8.75
N LEU B 103 6.05 -8.14 8.88
CA LEU B 103 4.89 -8.70 8.20
C LEU B 103 4.01 -9.44 9.20
N PRO B 104 2.72 -9.57 8.93
CA PRO B 104 1.86 -10.41 9.79
C PRO B 104 2.28 -11.86 9.76
N SER B 105 2.41 -12.46 10.95
CA SER B 105 2.76 -13.87 11.06
C SER B 105 1.73 -14.76 10.38
N ILE B 106 0.45 -14.39 10.41
CA ILE B 106 -0.56 -15.20 9.72
C ILE B 106 -0.26 -15.28 8.24
N PHE B 107 0.30 -14.21 7.66
CA PHE B 107 0.61 -14.20 6.24
C PHE B 107 1.80 -15.11 5.93
N VAL B 108 2.89 -14.96 6.70
CA VAL B 108 4.05 -15.82 6.49
C VAL B 108 3.67 -17.27 6.71
N TYR B 109 2.92 -17.54 7.77
CA TYR B 109 2.47 -18.89 8.06
C TYR B 109 1.75 -19.51 6.86
N LEU B 110 0.86 -18.75 6.23
CA LEU B 110 0.08 -19.34 5.14
C LEU B 110 0.90 -19.48 3.86
N ILE B 111 1.90 -18.63 3.65
CA ILE B 111 2.86 -18.89 2.57
C ILE B 111 3.53 -20.24 2.81
N ASN B 112 3.95 -20.48 4.06
CA ASN B 112 4.57 -21.75 4.41
C ASN B 112 3.61 -22.92 4.21
N ILE B 113 2.35 -22.75 4.60
CA ILE B 113 1.35 -23.79 4.35
C ILE B 113 1.23 -24.04 2.85
N PHE B 114 1.19 -22.96 2.06
CA PHE B 114 1.11 -23.09 0.61
C PHE B 114 2.31 -23.83 0.05
N ALA B 115 3.52 -23.52 0.53
CA ALA B 115 4.72 -24.19 0.04
C ALA B 115 4.71 -25.66 0.40
N LYS B 116 4.33 -25.99 1.64
CA LYS B 116 4.27 -27.38 2.06
C LYS B 116 3.24 -28.14 1.24
N ALA B 117 2.08 -27.52 0.99
CA ALA B 117 1.06 -28.19 0.17
C ALA B 117 1.59 -28.45 -1.24
N ALA B 118 2.23 -27.45 -1.86
CA ALA B 118 2.79 -27.66 -3.19
C ALA B 118 3.79 -28.81 -3.19
N ILE B 119 4.73 -28.81 -2.23
CA ILE B 119 5.71 -29.88 -2.15
C ILE B 119 5.02 -31.23 -2.05
N SER B 120 3.97 -31.33 -1.23
CA SER B 120 3.27 -32.59 -1.05
C SER B 120 2.61 -33.06 -2.33
N GLN B 121 2.11 -32.13 -3.16
CA GLN B 121 1.54 -32.53 -4.44
C GLN B 121 2.61 -33.09 -5.37
N PHE B 122 3.77 -32.46 -5.44
CA PHE B 122 4.87 -33.03 -6.20
C PHE B 122 5.15 -34.46 -5.75
N ILE B 123 5.28 -34.66 -4.44
CA ILE B 123 5.62 -35.97 -3.91
C ILE B 123 4.50 -36.97 -4.16
N ASN B 124 3.27 -36.62 -3.77
CA ASN B 124 2.18 -37.59 -3.73
C ASN B 124 1.57 -37.84 -5.11
N GLU B 125 1.64 -36.87 -6.01
CA GLU B 125 0.98 -36.99 -7.30
C GLU B 125 1.96 -37.01 -8.47
N ALA B 126 2.87 -36.04 -8.56
CA ALA B 126 3.82 -36.01 -9.67
C ALA B 126 4.78 -37.18 -9.65
N GLY B 127 4.86 -37.91 -8.54
CA GLY B 127 5.66 -39.12 -8.50
C GLY B 127 5.12 -40.17 -9.47
N ALA B 128 3.80 -40.34 -9.48
CA ALA B 128 3.16 -41.30 -10.38
C ALA B 128 2.94 -40.70 -11.77
N ARG B 129 2.54 -39.42 -11.83
CA ARG B 129 2.20 -38.75 -13.08
C ARG B 129 2.95 -37.43 -13.15
N PRO B 130 4.22 -37.45 -13.58
CA PRO B 130 5.04 -36.23 -13.54
C PRO B 130 4.39 -35.03 -14.21
N GLU B 131 3.49 -35.26 -15.16
CA GLU B 131 2.83 -34.15 -15.84
C GLU B 131 1.94 -33.34 -14.90
N THR B 132 1.56 -33.89 -13.75
CA THR B 132 0.74 -33.16 -12.81
C THR B 132 1.53 -32.10 -12.04
N ALA B 133 2.86 -32.09 -12.16
CA ALA B 133 3.65 -31.07 -11.48
C ALA B 133 3.48 -29.69 -12.11
N ASP B 134 3.28 -29.64 -13.42
CA ASP B 134 3.25 -28.35 -14.12
C ASP B 134 2.14 -27.44 -13.63
N PRO B 135 0.89 -27.89 -13.48
CA PRO B 135 -0.14 -26.97 -12.93
C PRO B 135 0.14 -26.51 -11.51
N VAL B 136 0.75 -27.37 -10.67
CA VAL B 136 1.14 -26.93 -9.33
C VAL B 136 2.23 -25.87 -9.43
N GLY B 137 3.22 -26.09 -10.30
CA GLY B 137 4.28 -25.11 -10.46
C GLY B 137 3.77 -23.78 -10.97
N ILE B 138 2.82 -23.80 -11.90
CA ILE B 138 2.21 -22.57 -12.40
C ILE B 138 1.56 -21.80 -11.26
N CYS B 139 0.86 -22.51 -10.37
CA CYS B 139 0.17 -21.83 -9.27
C CYS B 139 1.17 -21.21 -8.30
N VAL B 140 2.24 -21.94 -7.98
CA VAL B 140 3.28 -21.37 -7.11
C VAL B 140 3.83 -20.08 -7.70
N ALA B 141 4.22 -20.13 -8.97
CA ALA B 141 4.84 -18.96 -9.59
C ALA B 141 3.87 -17.79 -9.68
N ALA B 142 2.60 -18.07 -9.95
CA ALA B 142 1.61 -17.01 -10.06
C ALA B 142 1.38 -16.33 -8.70
N ILE B 143 1.31 -17.12 -7.63
CA ILE B 143 1.02 -16.57 -6.31
C ILE B 143 2.21 -15.79 -5.80
N LEU B 144 3.40 -16.39 -5.81
CA LEU B 144 4.55 -15.76 -5.18
C LEU B 144 5.04 -14.54 -5.94
N SER B 145 4.64 -14.37 -7.20
CA SER B 145 5.02 -13.18 -7.96
C SER B 145 3.97 -12.07 -7.90
N GLU B 146 2.83 -12.28 -7.26
CA GLU B 146 1.85 -11.22 -7.10
C GLU B 146 2.52 -10.00 -6.47
N PRO B 147 2.40 -8.81 -7.06
CA PRO B 147 3.07 -7.64 -6.47
C PRO B 147 2.71 -7.38 -5.02
N ASP B 148 1.49 -7.69 -4.61
CA ASP B 148 1.09 -7.44 -3.22
C ASP B 148 1.75 -8.40 -2.24
N PHE B 149 2.28 -9.52 -2.72
CA PHE B 149 2.93 -10.49 -1.85
C PHE B 149 4.44 -10.42 -1.90
N LEU B 150 5.00 -9.50 -2.67
CA LEU B 150 6.43 -9.26 -2.64
C LEU B 150 6.79 -8.46 -1.40
N TRP B 151 7.91 -8.82 -0.78
CA TRP B 151 8.46 -8.04 0.34
C TRP B 151 9.74 -7.38 -0.12
N ARG B 152 9.75 -6.05 -0.08
CA ARG B 152 10.93 -5.25 -0.45
C ARG B 152 11.41 -5.59 -1.85
N GLY B 153 10.47 -5.75 -2.78
CA GLY B 153 10.79 -5.87 -4.18
C GLY B 153 10.94 -7.28 -4.72
N ALA B 154 11.03 -8.30 -3.86
CA ALA B 154 11.24 -9.67 -4.30
C ALA B 154 10.23 -10.59 -3.62
N SER B 155 10.09 -11.79 -4.17
CA SER B 155 9.14 -12.76 -3.66
C SER B 155 9.68 -13.40 -2.38
N LEU B 156 8.80 -14.16 -1.72
CA LEU B 156 9.17 -14.98 -0.58
C LEU B 156 9.38 -16.44 -0.97
N ILE B 157 9.89 -16.67 -2.18
CA ILE B 157 10.14 -18.03 -2.68
C ILE B 157 11.13 -18.79 -1.81
N ASP B 158 11.98 -18.10 -1.04
CA ASP B 158 12.96 -18.80 -0.21
C ASP B 158 12.28 -19.73 0.78
N ILE B 159 11.03 -19.46 1.15
CA ILE B 159 10.29 -20.37 2.02
C ILE B 159 10.10 -21.72 1.34
N LEU B 160 9.82 -21.70 0.03
CA LEU B 160 9.63 -22.95 -0.71
C LEU B 160 10.95 -23.65 -0.96
N ILE B 161 11.98 -22.90 -1.36
CA ILE B 161 13.27 -23.50 -1.66
C ILE B 161 13.88 -24.12 -0.41
N ALA B 162 13.66 -23.50 0.75
CA ALA B 162 14.17 -24.06 2.00
C ALA B 162 13.65 -25.49 2.21
N LYS B 163 12.38 -25.73 1.90
CA LYS B 163 11.85 -27.09 2.00
C LYS B 163 12.38 -27.97 0.87
N PHE B 164 12.48 -27.42 -0.35
CA PHE B 164 13.06 -28.19 -1.45
C PHE B 164 14.45 -28.68 -1.10
N ARG B 165 15.27 -27.82 -0.50
CA ARG B 165 16.61 -28.22 -0.05
C ARG B 165 16.57 -29.45 0.84
N ILE B 166 15.52 -29.59 1.65
CA ILE B 166 15.43 -30.69 2.60
C ILE B 166 15.08 -31.98 1.88
N VAL B 167 14.11 -31.93 0.97
CA VAL B 167 13.52 -33.16 0.42
C VAL B 167 14.15 -33.62 -0.89
N CYS B 168 14.95 -32.78 -1.56
CA CYS B 168 15.64 -33.17 -2.79
C CYS B 168 16.99 -32.47 -2.86
N PRO B 169 17.92 -32.85 -1.98
CA PRO B 169 19.20 -32.13 -1.91
C PRO B 169 20.09 -32.31 -3.14
N VAL B 170 19.89 -33.35 -3.96
CA VAL B 170 20.74 -33.52 -5.13
C VAL B 170 20.55 -32.39 -6.14
N LEU B 171 19.40 -31.72 -6.11
CA LEU B 171 19.20 -30.53 -6.93
C LEU B 171 20.08 -29.37 -6.50
N PHE B 172 20.72 -29.46 -5.33
CA PHE B 172 21.56 -28.39 -4.82
C PHE B 172 23.00 -28.83 -4.65
N GLY B 173 23.40 -29.91 -5.31
CA GLY B 173 24.80 -30.30 -5.42
C GLY B 173 25.25 -31.37 -4.46
N TYR B 174 24.33 -31.93 -3.66
CA TYR B 174 24.71 -32.93 -2.67
C TYR B 174 24.80 -34.32 -3.29
N ARG B 175 25.72 -35.12 -2.75
CA ARG B 175 25.97 -36.46 -3.24
C ARG B 175 26.11 -37.41 -2.05
N GLY B 176 25.84 -38.67 -2.29
CA GLY B 176 26.00 -39.67 -1.25
C GLY B 176 25.74 -41.05 -1.80
N SER B 177 26.14 -42.05 -1.01
CA SER B 177 25.90 -43.44 -1.35
C SER B 177 24.52 -43.86 -0.86
N GLU B 178 23.77 -44.54 -1.72
CA GLU B 178 22.46 -45.08 -1.37
C GLU B 178 22.56 -46.32 -0.48
N LYS B 179 23.77 -46.75 -0.12
CA LYS B 179 23.96 -47.96 0.67
C LYS B 179 24.39 -47.69 2.10
N THR B 180 24.66 -46.44 2.45
CA THR B 180 25.10 -46.09 3.79
C THR B 180 24.08 -45.18 4.46
N GLU B 181 24.11 -45.17 5.80
CA GLU B 181 23.22 -44.31 6.55
C GLU B 181 23.56 -42.84 6.32
N GLN B 182 24.85 -42.50 6.39
CA GLN B 182 25.26 -41.12 6.15
C GLN B 182 24.97 -40.69 4.72
N GLY B 183 25.07 -41.62 3.77
CA GLY B 183 24.81 -41.27 2.38
C GLY B 183 23.35 -41.06 2.08
N ARG B 184 22.50 -41.97 2.58
CA ARG B 184 21.05 -41.80 2.41
C ARG B 184 20.56 -40.49 3.02
N GLN B 185 21.17 -40.07 4.12
CA GLN B 185 20.77 -38.81 4.75
C GLN B 185 21.12 -37.61 3.86
N ARG B 186 22.28 -37.64 3.21
CA ARG B 186 22.69 -36.55 2.33
C ARG B 186 21.82 -36.50 1.08
N LEU B 187 21.34 -37.64 0.60
CA LEU B 187 20.53 -37.70 -0.60
C LEU B 187 19.06 -37.39 -0.35
N GLY B 188 18.68 -37.11 0.90
CA GLY B 188 17.28 -36.90 1.21
C GLY B 188 16.44 -38.15 1.14
N TRP B 189 17.04 -39.31 1.37
CA TRP B 189 16.28 -40.55 1.45
C TRP B 189 15.41 -40.50 2.70
N TRP B 190 14.10 -40.56 2.52
CA TRP B 190 13.18 -40.19 3.57
C TRP B 190 12.93 -41.35 4.52
N LYS B 191 12.28 -41.02 5.64
CA LYS B 191 11.92 -41.99 6.66
C LYS B 191 10.43 -41.86 6.95
N GLU B 192 9.83 -42.99 7.35
CA GLU B 192 8.44 -43.02 7.79
C GLU B 192 8.42 -43.72 9.14
N SER B 193 8.10 -42.98 10.20
CA SER B 193 8.10 -43.49 11.56
C SER B 193 9.46 -44.11 11.92
N GLY B 194 10.54 -43.43 11.51
CA GLY B 194 11.87 -43.77 11.97
C GLY B 194 12.60 -44.83 11.16
N GLN B 195 12.00 -45.36 10.10
CA GLN B 195 12.65 -46.37 9.27
C GLN B 195 12.68 -45.90 7.82
N TRP B 196 13.76 -46.26 7.12
CA TRP B 196 13.92 -45.85 5.72
C TRP B 196 12.75 -46.34 4.89
N ILE B 197 12.26 -45.46 4.01
CA ILE B 197 11.24 -45.86 3.04
C ILE B 197 11.87 -46.80 2.02
N SER B 198 11.04 -47.50 1.26
CA SER B 198 11.53 -48.44 0.27
C SER B 198 12.20 -47.70 -0.89
N GLU B 199 13.11 -48.39 -1.56
CA GLU B 199 13.80 -47.78 -2.68
C GLU B 199 12.81 -47.29 -3.73
N GLN B 200 11.71 -48.01 -3.93
CA GLN B 200 10.74 -47.60 -4.93
C GLN B 200 10.00 -46.32 -4.52
N GLN B 201 9.66 -46.21 -3.24
CA GLN B 201 9.01 -44.98 -2.78
C GLN B 201 9.98 -43.81 -2.84
N HIS B 202 11.24 -44.03 -2.48
CA HIS B 202 12.25 -42.98 -2.61
C HIS B 202 12.33 -42.48 -4.05
N MET B 203 12.47 -43.39 -5.01
CA MET B 203 12.59 -42.96 -6.40
C MET B 203 11.31 -42.30 -6.90
N ASP B 204 10.15 -42.68 -6.35
CA ASP B 204 8.92 -41.96 -6.65
C ASP B 204 8.99 -40.53 -6.15
N ARG B 205 9.53 -40.32 -4.94
CA ARG B 205 9.69 -38.97 -4.41
C ARG B 205 10.60 -38.15 -5.30
N MET B 206 11.72 -38.72 -5.72
CA MET B 206 12.68 -37.99 -6.53
C MET B 206 12.10 -37.60 -7.88
N THR B 207 11.30 -38.48 -8.48
CA THR B 207 10.68 -38.15 -9.75
C THR B 207 9.74 -36.97 -9.62
N GLY B 208 8.85 -37.01 -8.62
CA GLY B 208 7.92 -35.92 -8.43
C GLY B 208 8.60 -34.61 -8.08
N LEU B 209 9.72 -34.67 -7.36
CA LEU B 209 10.40 -33.44 -6.94
C LEU B 209 11.26 -32.88 -8.08
N GLY B 210 11.87 -33.74 -8.87
CA GLY B 210 12.56 -33.27 -10.06
C GLY B 210 11.62 -32.59 -11.03
N ALA B 211 10.42 -33.17 -11.20
CA ALA B 211 9.43 -32.58 -12.10
C ALA B 211 8.89 -31.27 -11.53
N GLY B 212 8.64 -31.24 -10.22
CA GLY B 212 8.15 -30.01 -9.61
C GLY B 212 9.17 -28.90 -9.63
N PHE B 213 10.45 -29.25 -9.47
CA PHE B 213 11.51 -28.25 -9.56
C PHE B 213 11.55 -27.64 -10.96
N ALA B 214 11.47 -28.49 -11.99
CA ALA B 214 11.40 -27.97 -13.36
C ALA B 214 10.16 -27.11 -13.53
N ALA B 215 9.06 -27.50 -12.87
CA ALA B 215 7.81 -26.76 -13.01
C ALA B 215 7.93 -25.34 -12.46
N ILE B 216 8.73 -25.14 -11.41
CA ILE B 216 8.86 -23.81 -10.84
C ILE B 216 10.01 -23.01 -11.45
N SER B 217 11.02 -23.68 -12.01
CA SER B 217 12.21 -23.01 -12.50
C SER B 217 12.20 -22.76 -14.00
N LEU B 218 11.23 -23.29 -14.75
CA LEU B 218 11.15 -23.08 -16.19
C LEU B 218 9.84 -22.40 -16.57
N ARG B 219 9.44 -21.40 -15.81
CA ARG B 219 8.27 -20.61 -16.12
C ARG B 219 8.70 -19.36 -16.88
N LYS B 220 7.82 -18.88 -17.76
CA LYS B 220 8.12 -17.73 -18.60
C LYS B 220 7.21 -16.57 -18.24
N PHE B 221 7.83 -15.43 -17.92
CA PHE B 221 7.12 -14.22 -17.52
C PHE B 221 7.28 -13.09 -18.52
N ALA B 222 7.87 -13.36 -19.68
CA ALA B 222 8.14 -12.29 -20.65
C ALA B 222 6.84 -11.59 -21.06
N LEU B 223 5.76 -12.35 -21.25
CA LEU B 223 4.47 -11.79 -21.63
C LEU B 223 3.63 -11.40 -20.43
N SER B 224 4.23 -11.28 -19.25
CA SER B 224 3.52 -10.94 -18.03
C SER B 224 4.19 -9.74 -17.38
N LYS B 225 3.37 -8.94 -16.70
CA LYS B 225 3.87 -7.78 -15.96
C LYS B 225 4.52 -8.17 -14.63
N LYS B 226 4.36 -9.41 -14.18
CA LYS B 226 5.01 -9.86 -12.97
C LYS B 226 6.46 -10.22 -13.25
N GLN B 227 7.26 -10.30 -12.19
CA GLN B 227 8.63 -10.77 -12.28
C GLN B 227 8.69 -12.26 -12.00
N ASN B 228 9.59 -12.95 -12.68
CA ASN B 228 9.82 -14.36 -12.42
C ASN B 228 10.43 -14.53 -11.03
N PRO B 229 9.78 -15.24 -10.10
CA PRO B 229 10.34 -15.35 -8.75
C PRO B 229 11.47 -16.37 -8.63
N TYR B 230 11.60 -17.29 -9.59
CA TYR B 230 12.65 -18.30 -9.56
C TYR B 230 13.04 -18.61 -11.00
N PRO B 231 13.89 -17.77 -11.59
CA PRO B 231 14.06 -17.78 -13.05
C PRO B 231 14.95 -18.92 -13.53
N PRO B 232 15.04 -19.13 -14.85
CA PRO B 232 15.65 -20.35 -15.39
C PRO B 232 17.14 -20.51 -15.10
N ARG B 233 17.85 -19.48 -14.64
CA ARG B 233 19.25 -19.68 -14.30
C ARG B 233 19.41 -20.73 -13.21
N PHE B 234 18.42 -20.86 -12.32
CA PHE B 234 18.49 -21.86 -11.27
C PHE B 234 18.28 -23.27 -11.81
N TYR B 235 17.48 -23.42 -12.88
CA TYR B 235 17.40 -24.70 -13.57
C TYR B 235 18.74 -25.07 -14.19
N TRP B 236 19.40 -24.09 -14.83
CA TRP B 236 20.70 -24.35 -15.43
C TRP B 236 21.73 -24.78 -14.37
N MET B 237 21.82 -24.01 -13.28
CA MET B 237 22.80 -24.31 -12.25
C MET B 237 22.55 -25.69 -11.63
N ALA B 238 21.29 -26.04 -11.39
CA ALA B 238 20.99 -27.31 -10.75
C ALA B 238 21.41 -28.48 -11.65
N MET B 239 21.05 -28.41 -12.93
CA MET B 239 21.45 -29.48 -13.85
C MET B 239 22.96 -29.62 -13.92
N ALA B 240 23.68 -28.49 -13.87
CA ALA B 240 25.13 -28.51 -13.99
C ALA B 240 25.76 -29.24 -12.81
N LYS B 241 25.31 -28.92 -11.59
CA LYS B 241 25.83 -29.59 -10.41
C LYS B 241 25.66 -31.10 -10.50
N ILE B 242 24.55 -31.55 -11.07
CA ILE B 242 24.30 -32.99 -11.15
C ILE B 242 25.21 -33.63 -12.21
N VAL B 243 25.22 -33.07 -13.42
CA VAL B 243 25.89 -33.73 -14.54
C VAL B 243 27.41 -33.62 -14.49
N ASN B 244 27.97 -32.81 -13.59
CA ASN B 244 29.42 -32.71 -13.43
C ASN B 244 29.93 -33.54 -12.26
N THR B 245 29.12 -34.44 -11.72
CA THR B 245 29.55 -35.24 -10.58
C THR B 245 30.69 -36.18 -10.99
N PRO B 246 31.72 -36.33 -10.16
CA PRO B 246 32.75 -37.32 -10.46
C PRO B 246 32.14 -38.70 -10.58
N PRO B 247 32.69 -39.56 -11.45
CA PRO B 247 32.01 -40.83 -11.75
C PRO B 247 31.82 -41.72 -10.53
N ALA B 248 32.74 -41.70 -9.58
CA ALA B 248 32.63 -42.58 -8.42
C ALA B 248 31.45 -42.22 -7.54
N GLU B 249 31.02 -40.95 -7.56
CA GLU B 249 29.98 -40.46 -6.67
C GLU B 249 28.59 -40.42 -7.30
N ILE B 250 28.44 -40.90 -8.54
CA ILE B 250 27.15 -40.85 -9.21
C ILE B 250 26.22 -41.89 -8.60
N SER B 251 24.99 -41.50 -8.29
CA SER B 251 23.99 -42.39 -7.73
C SER B 251 22.75 -42.42 -8.63
N ASN B 252 22.00 -43.52 -8.52
CA ASN B 252 20.75 -43.63 -9.27
C ASN B 252 19.78 -42.51 -8.89
N THR B 253 19.89 -41.98 -7.67
CA THR B 253 19.04 -40.87 -7.26
C THR B 253 19.24 -39.67 -8.17
N GLN B 254 20.50 -39.30 -8.42
CA GLN B 254 20.79 -38.19 -9.31
C GLN B 254 20.21 -38.42 -10.70
N CYS B 255 20.33 -39.65 -11.21
CA CYS B 255 19.82 -39.96 -12.54
C CYS B 255 18.30 -39.89 -12.60
N VAL B 256 17.63 -40.35 -11.54
CA VAL B 256 16.17 -40.31 -11.53
C VAL B 256 15.69 -38.86 -11.44
N VAL B 257 16.35 -38.04 -10.63
CA VAL B 257 16.01 -36.62 -10.56
C VAL B 257 16.27 -35.96 -11.91
N LEU B 258 17.42 -36.26 -12.52
CA LEU B 258 17.78 -35.63 -13.77
C LEU B 258 16.76 -35.95 -14.86
N LYS B 259 16.32 -37.21 -14.95
CA LYS B 259 15.32 -37.57 -15.94
C LYS B 259 14.03 -36.79 -15.71
N ALA B 260 13.63 -36.65 -14.44
CA ALA B 260 12.39 -35.94 -14.13
C ALA B 260 12.51 -34.45 -14.39
N MET B 261 13.71 -33.89 -14.21
CA MET B 261 13.97 -32.49 -14.58
C MET B 261 13.80 -32.26 -16.08
N VAL B 262 14.24 -33.22 -16.89
CA VAL B 262 14.39 -33.00 -18.32
C VAL B 262 13.13 -33.38 -19.08
N GLN B 263 12.56 -34.55 -18.78
CA GLN B 263 11.48 -35.08 -19.61
C GLN B 263 10.26 -34.16 -19.57
N ASN B 264 9.75 -33.82 -20.75
CA ASN B 264 8.61 -32.94 -20.98
C ASN B 264 8.98 -31.46 -20.78
N TYR B 265 10.22 -31.14 -20.43
CA TYR B 265 10.65 -29.77 -20.24
C TYR B 265 11.69 -29.33 -21.26
N GLU B 266 12.01 -30.18 -22.24
CA GLU B 266 13.03 -29.85 -23.23
C GLU B 266 12.65 -28.59 -24.01
N ALA B 267 11.37 -28.43 -24.35
CA ALA B 267 10.96 -27.29 -25.17
C ALA B 267 11.13 -25.99 -24.42
N LYS B 268 10.72 -25.96 -23.14
CA LYS B 268 10.92 -24.76 -22.34
C LYS B 268 12.42 -24.48 -22.16
N PHE B 269 13.20 -25.54 -21.95
CA PHE B 269 14.64 -25.36 -21.78
C PHE B 269 15.27 -24.74 -23.02
N ILE B 270 14.83 -25.17 -24.21
CA ILE B 270 15.37 -24.63 -25.45
C ILE B 270 14.93 -23.19 -25.65
N GLU B 271 13.69 -22.87 -25.27
CA GLU B 271 13.23 -21.49 -25.44
C GLU B 271 14.10 -20.52 -24.64
N PHE B 272 14.63 -20.95 -23.51
CA PHE B 272 15.43 -20.05 -22.67
C PHE B 272 16.89 -20.01 -23.10
N TYR B 273 17.45 -21.15 -23.53
CA TYR B 273 18.90 -21.24 -23.75
C TYR B 273 19.29 -21.68 -25.16
N GLY B 274 18.33 -22.00 -26.02
CA GLY B 274 18.62 -22.28 -27.40
C GLY B 274 19.70 -23.33 -27.61
N SER B 275 20.76 -22.96 -28.34
CA SER B 275 21.81 -23.91 -28.67
C SER B 275 22.58 -24.36 -27.43
N ALA B 276 22.63 -23.53 -26.39
CA ALA B 276 23.28 -23.94 -25.15
C ALA B 276 22.47 -25.02 -24.44
N ALA B 277 21.14 -24.99 -24.56
CA ALA B 277 20.33 -26.07 -24.03
C ALA B 277 20.62 -27.38 -24.75
N ILE B 278 20.81 -27.32 -26.07
CA ILE B 278 21.13 -28.53 -26.81
C ILE B 278 22.45 -29.12 -26.32
N ALA B 279 23.45 -28.26 -26.08
CA ALA B 279 24.72 -28.75 -25.57
C ALA B 279 24.58 -29.30 -24.16
N ALA B 280 23.73 -28.67 -23.34
CA ALA B 280 23.51 -29.15 -21.99
C ALA B 280 22.81 -30.52 -21.99
N LEU B 281 21.81 -30.69 -22.85
CA LEU B 281 21.13 -31.97 -22.94
C LEU B 281 22.06 -33.08 -23.44
N ARG B 282 23.03 -32.74 -24.30
CA ARG B 282 24.01 -33.72 -24.70
C ARG B 282 24.82 -34.19 -23.50
N THR B 283 25.25 -33.25 -22.65
CA THR B 283 25.97 -33.63 -21.45
C THR B 283 25.09 -34.47 -20.53
N ALA B 284 23.82 -34.11 -20.39
CA ALA B 284 22.95 -34.77 -19.42
C ALA B 284 22.54 -36.16 -19.88
N LEU B 285 22.29 -36.35 -21.17
CA LEU B 285 21.68 -37.56 -21.67
C LEU B 285 22.61 -38.43 -22.51
N ILE B 286 23.79 -37.94 -22.88
CA ILE B 286 24.76 -38.74 -23.63
C ILE B 286 26.02 -38.92 -22.80
N ASP B 287 26.66 -37.80 -22.43
CA ASP B 287 27.96 -37.88 -21.78
C ASP B 287 27.83 -38.36 -20.33
N PHE B 288 26.79 -37.90 -19.61
CA PHE B 288 26.66 -38.27 -18.20
C PHE B 288 26.35 -39.75 -18.04
N PRO B 289 25.39 -40.34 -18.74
CA PRO B 289 25.17 -41.80 -18.60
C PRO B 289 26.36 -42.62 -19.06
N ALA B 290 27.13 -42.13 -20.04
CA ALA B 290 28.23 -42.92 -20.59
C ALA B 290 29.35 -43.10 -19.58
N ARG B 291 29.63 -42.07 -18.78
CA ARG B 291 30.72 -42.14 -17.81
C ARG B 291 30.29 -42.63 -16.43
N ALA B 292 29.03 -43.02 -16.28
CA ALA B 292 28.59 -43.63 -15.02
C ALA B 292 29.10 -45.06 -14.95
N PRO B 293 29.88 -45.43 -13.93
CA PRO B 293 30.47 -46.78 -13.91
C PRO B 293 29.43 -47.87 -13.71
N HIS B 294 28.54 -47.69 -12.75
CA HIS B 294 27.53 -48.69 -12.43
C HIS B 294 26.34 -48.51 -13.37
N LYS B 295 26.31 -49.32 -14.43
CA LYS B 295 25.20 -49.27 -15.38
C LYS B 295 23.95 -49.84 -14.72
N SER B 296 22.87 -49.05 -14.72
CA SER B 296 21.65 -49.42 -14.02
C SER B 296 20.45 -49.00 -14.86
N ALA B 297 19.26 -49.39 -14.40
CA ALA B 297 18.04 -48.98 -15.08
C ALA B 297 17.89 -47.46 -15.09
N ALA B 298 18.33 -46.79 -14.01
CA ALA B 298 18.25 -45.34 -13.96
C ALA B 298 19.22 -44.70 -14.95
N VAL B 299 20.46 -45.21 -15.01
CA VAL B 299 21.39 -44.72 -16.02
C VAL B 299 20.84 -44.97 -17.42
N ASN B 300 20.29 -46.17 -17.65
CA ASN B 300 19.80 -46.52 -18.97
C ASN B 300 18.62 -45.64 -19.38
N SER B 301 17.77 -45.26 -18.43
CA SER B 301 16.61 -44.45 -18.77
C SER B 301 17.01 -43.08 -19.28
N LEU B 302 18.18 -42.57 -18.88
CA LEU B 302 18.68 -41.33 -19.45
C LEU B 302 19.03 -41.51 -20.93
N GLU B 303 19.65 -42.64 -21.26
CA GLU B 303 20.02 -42.89 -22.66
C GLU B 303 18.77 -43.13 -23.51
N VAL B 304 17.79 -43.86 -22.98
CA VAL B 304 16.55 -44.07 -23.72
C VAL B 304 15.87 -42.75 -24.00
N LEU B 305 15.89 -41.84 -23.03
CA LEU B 305 15.29 -40.53 -23.24
C LEU B 305 15.96 -39.80 -24.40
N ALA B 306 17.30 -39.92 -24.50
CA ALA B 306 18.00 -39.32 -25.64
C ALA B 306 17.56 -39.96 -26.96
N GLN B 307 17.40 -41.29 -26.97
CA GLN B 307 16.99 -41.97 -28.19
C GLN B 307 15.63 -41.49 -28.66
N MET B 308 14.70 -41.29 -27.72
CA MET B 308 13.35 -40.88 -28.09
C MET B 308 13.32 -39.42 -28.53
N LEU B 309 14.13 -38.57 -27.92
CA LEU B 309 14.21 -37.18 -28.35
C LEU B 309 14.69 -37.08 -29.80
N LYS B 310 15.62 -37.95 -30.20
CA LYS B 310 16.08 -37.95 -31.58
C LYS B 310 15.06 -38.60 -32.51
N ARG B 311 14.49 -39.73 -32.08
CA ARG B 311 13.59 -40.49 -32.96
C ARG B 311 12.24 -39.81 -33.11
N ASP B 312 11.72 -39.22 -32.02
CA ASP B 312 10.39 -38.63 -32.02
C ASP B 312 10.41 -37.11 -32.17
N THR B 313 11.21 -36.42 -31.36
CA THR B 313 11.21 -34.96 -31.36
C THR B 313 12.11 -34.38 -32.45
N GLY B 314 13.12 -35.13 -32.89
CA GLY B 314 14.05 -34.63 -33.88
C GLY B 314 15.21 -33.85 -33.33
N LEU B 315 15.56 -34.04 -32.05
CA LEU B 315 16.75 -33.42 -31.47
C LEU B 315 17.92 -34.37 -31.64
N ASP B 316 18.95 -33.92 -32.35
CA ASP B 316 20.15 -34.72 -32.56
C ASP B 316 21.20 -34.30 -31.54
N LEU B 317 21.18 -34.96 -30.39
CA LEU B 317 22.25 -34.75 -29.41
C LEU B 317 23.50 -35.54 -29.79
N GLY B 318 23.32 -36.74 -30.34
CA GLY B 318 24.43 -37.60 -30.69
C GLY B 318 24.17 -39.04 -30.30
N THR C 12 13.57 -37.06 -41.29
CA THR C 12 14.53 -36.21 -41.96
C THR C 12 14.63 -34.84 -41.26
N LEU C 13 14.27 -33.77 -41.96
CA LEU C 13 14.46 -32.42 -41.43
C LEU C 13 13.35 -32.06 -40.45
N VAL C 14 13.75 -31.53 -39.30
CA VAL C 14 12.81 -31.12 -38.25
C VAL C 14 13.18 -29.70 -37.82
N ARG C 15 12.19 -28.81 -37.80
CA ARG C 15 12.37 -27.44 -37.36
C ARG C 15 11.91 -27.33 -35.91
N ILE C 16 12.78 -26.86 -35.03
CA ILE C 16 12.47 -26.76 -33.61
C ILE C 16 11.89 -25.39 -33.27
N TRP C 17 12.56 -24.32 -33.68
CA TRP C 17 12.20 -22.97 -33.27
C TRP C 17 11.18 -22.38 -34.25
N MET C 18 9.97 -22.12 -33.77
CA MET C 18 8.91 -21.61 -34.63
C MET C 18 8.95 -20.09 -34.75
N PRO C 19 9.10 -19.34 -33.65
CA PRO C 19 9.04 -17.87 -33.76
C PRO C 19 10.05 -17.31 -34.74
N ASP C 20 9.71 -16.14 -35.28
CA ASP C 20 10.58 -15.43 -36.22
C ASP C 20 11.62 -14.64 -35.42
N GLY C 21 12.79 -15.23 -35.25
CA GLY C 21 13.88 -14.58 -34.54
C GLY C 21 14.03 -15.08 -33.11
N ALA C 22 15.16 -14.69 -32.52
CA ALA C 22 15.46 -15.10 -31.16
C ALA C 22 14.53 -14.41 -30.18
N PRO C 23 14.31 -15.01 -29.00
CA PRO C 23 13.45 -14.36 -28.01
C PRO C 23 14.06 -13.06 -27.52
N ALA C 24 13.19 -12.14 -27.08
CA ALA C 24 13.65 -10.87 -26.57
C ALA C 24 14.64 -11.08 -25.42
N TYR C 25 15.57 -10.14 -25.28
CA TYR C 25 16.54 -10.22 -24.20
C TYR C 25 15.84 -10.25 -22.86
N THR C 26 16.35 -11.10 -21.96
CA THR C 26 15.94 -11.09 -20.57
C THR C 26 17.13 -11.51 -19.73
N ALA C 27 17.30 -10.86 -18.58
CA ALA C 27 18.36 -11.22 -17.66
C ALA C 27 18.02 -12.46 -16.83
N ASP C 28 16.76 -12.90 -16.85
CA ASP C 28 16.33 -14.02 -16.00
C ASP C 28 17.12 -15.30 -16.31
N THR C 29 17.64 -15.44 -17.52
CA THR C 29 18.36 -16.64 -17.90
C THR C 29 19.86 -16.53 -17.70
N GLU C 30 20.38 -15.31 -17.56
CA GLU C 30 21.81 -15.10 -17.36
C GLU C 30 22.16 -15.17 -15.88
N ALA C 31 23.46 -15.20 -15.61
CA ALA C 31 23.94 -15.30 -14.23
C ALA C 31 23.32 -14.20 -13.39
N GLU C 32 23.11 -14.51 -12.10
CA GLU C 32 22.50 -13.54 -11.20
C GLU C 32 23.38 -12.29 -11.07
N ASP C 33 24.70 -12.47 -11.07
CA ASP C 33 25.64 -11.36 -11.02
C ASP C 33 26.42 -11.31 -12.33
N PRO C 34 26.21 -10.31 -13.20
CA PRO C 34 26.94 -10.28 -14.47
C PRO C 34 28.45 -10.11 -14.34
N LYS C 35 28.97 -9.81 -13.14
CA LYS C 35 30.40 -9.60 -12.97
C LYS C 35 31.21 -10.88 -12.99
N VAL C 36 30.57 -12.06 -13.03
CA VAL C 36 31.31 -13.30 -13.10
C VAL C 36 31.71 -13.66 -14.52
N TYR C 37 31.09 -13.06 -15.53
CA TYR C 37 31.45 -13.36 -16.91
C TYR C 37 32.81 -12.81 -17.29
N GLU C 38 33.33 -11.84 -16.54
CA GLU C 38 34.67 -11.31 -16.75
C GLU C 38 35.71 -12.00 -15.87
N ASP C 39 35.36 -13.13 -15.26
CA ASP C 39 36.29 -13.92 -14.48
C ASP C 39 36.95 -14.95 -15.38
N GLU C 40 38.24 -15.20 -15.14
CA GLU C 40 38.98 -16.13 -15.99
C GLU C 40 38.44 -17.55 -15.87
N GLY C 41 37.95 -17.93 -14.68
CA GLY C 41 37.41 -19.27 -14.52
C GLY C 41 36.19 -19.51 -15.39
N VAL C 42 35.27 -18.54 -15.42
CA VAL C 42 34.05 -18.71 -16.21
C VAL C 42 34.36 -18.70 -17.70
N LYS C 43 35.34 -17.89 -18.11
CA LYS C 43 35.70 -17.86 -19.53
C LYS C 43 36.28 -19.19 -19.98
N ARG C 44 36.96 -19.93 -19.10
CA ARG C 44 37.47 -21.24 -19.46
C ARG C 44 36.31 -22.22 -19.67
N GLN C 45 35.34 -22.22 -18.76
CA GLN C 45 34.21 -23.14 -18.88
C GLN C 45 33.51 -22.98 -20.24
N TRP C 46 33.30 -21.74 -20.67
CA TRP C 46 32.55 -21.45 -21.88
C TRP C 46 33.42 -21.34 -23.12
N GLN C 47 34.73 -21.54 -23.00
CA GLN C 47 35.61 -21.37 -24.15
C GLN C 47 35.31 -22.41 -25.22
N SER C 48 35.21 -23.68 -24.83
CA SER C 48 35.00 -24.74 -25.81
C SER C 48 33.65 -24.61 -26.51
N PHE C 49 32.63 -24.12 -25.79
CA PHE C 49 31.31 -23.99 -26.41
C PHE C 49 31.33 -22.92 -27.49
N LEU C 50 31.92 -21.77 -27.19
CA LEU C 50 32.00 -20.69 -28.18
C LEU C 50 32.71 -21.16 -29.44
N GLU C 51 33.76 -21.98 -29.29
CA GLU C 51 34.50 -22.47 -30.44
C GLU C 51 33.77 -23.62 -31.13
N LYS C 52 33.59 -24.74 -30.44
CA LYS C 52 33.11 -25.96 -31.05
C LYS C 52 31.60 -26.16 -30.91
N GLY C 53 30.91 -25.32 -30.15
CA GLY C 53 29.48 -25.48 -29.98
C GLY C 53 29.09 -26.71 -29.19
N ARG C 54 29.94 -27.17 -28.27
CA ARG C 54 29.58 -28.25 -27.38
C ARG C 54 30.51 -28.22 -26.17
N PHE C 55 30.11 -28.94 -25.13
CA PHE C 55 30.85 -28.97 -23.88
C PHE C 55 31.83 -30.13 -23.86
N GLU C 56 33.06 -29.85 -23.41
CA GLU C 56 34.11 -30.85 -23.34
C GLU C 56 34.37 -31.24 -21.88
N GLY C 57 34.90 -30.33 -21.07
CA GLY C 57 35.20 -30.64 -19.69
C GLY C 57 33.96 -30.78 -18.81
N GLY C 58 32.78 -30.50 -19.34
CA GLY C 58 31.55 -30.58 -18.57
C GLY C 58 30.63 -29.40 -18.80
N MET C 59 29.45 -29.45 -18.21
CA MET C 59 28.48 -28.37 -18.38
C MET C 59 28.90 -27.16 -17.53
N PRO C 60 29.11 -25.99 -18.12
CA PRO C 60 29.45 -24.81 -17.30
C PRO C 60 28.42 -24.59 -16.20
N GLU C 61 28.92 -24.24 -15.02
CA GLU C 61 28.05 -24.01 -13.86
C GLU C 61 27.31 -22.68 -13.94
N VAL C 62 27.87 -21.73 -14.67
CA VAL C 62 27.27 -20.41 -14.85
C VAL C 62 26.51 -20.42 -16.17
N PRO C 63 25.24 -20.00 -16.21
CA PRO C 63 24.50 -20.00 -17.48
C PRO C 63 25.14 -19.05 -18.46
N PRO C 64 24.87 -19.22 -19.75
CA PRO C 64 25.50 -18.36 -20.75
C PRO C 64 24.89 -16.97 -20.77
N ARG C 65 25.63 -16.06 -21.40
CA ARG C 65 25.04 -14.79 -21.82
C ARG C 65 24.12 -15.04 -23.00
N ARG C 66 23.08 -14.20 -23.11
CA ARG C 66 22.14 -14.34 -24.22
C ARG C 66 22.86 -14.32 -25.56
N GLU C 67 23.94 -13.53 -25.68
CA GLU C 67 24.64 -13.39 -26.94
C GLU C 67 25.33 -14.66 -27.38
N TRP C 68 25.61 -15.58 -26.47
CA TRP C 68 26.33 -16.81 -26.80
C TRP C 68 25.42 -17.89 -27.37
N CYS C 69 24.10 -17.68 -27.37
CA CYS C 69 23.14 -18.69 -27.81
C CYS C 69 22.52 -18.29 -29.14
N VAL C 70 22.13 -19.29 -29.92
CA VAL C 70 21.37 -19.08 -31.15
C VAL C 70 20.14 -19.97 -31.12
N TRP C 71 19.12 -19.55 -31.87
CA TRP C 71 17.84 -20.24 -31.90
C TRP C 71 17.42 -20.64 -33.31
N ASP C 72 18.37 -20.75 -34.25
CA ASP C 72 18.05 -21.05 -35.65
C ASP C 72 18.28 -22.53 -35.92
N PHE C 73 17.32 -23.34 -35.48
CA PHE C 73 17.32 -24.78 -35.75
C PHE C 73 15.93 -25.35 -35.45
N GLY D 1 2.09 30.19 20.90
CA GLY D 1 1.59 30.77 19.67
C GLY D 1 0.11 30.47 19.46
N PRO D 2 -0.31 30.36 18.19
CA PRO D 2 -1.71 29.99 17.92
C PRO D 2 -2.19 28.76 18.66
N HIS D 3 -1.35 27.71 18.75
CA HIS D 3 -1.74 26.53 19.51
C HIS D 3 -2.09 26.88 20.95
N MET D 4 -1.18 27.57 21.63
CA MET D 4 -1.42 27.95 23.02
C MET D 4 -2.72 28.74 23.15
N ARG D 5 -2.94 29.70 22.25
CA ARG D 5 -4.11 30.57 22.39
C ARG D 5 -5.40 29.81 22.16
N TYR D 6 -5.45 28.95 21.13
CA TYR D 6 -6.67 28.19 20.89
C TYR D 6 -6.99 27.27 22.06
N VAL D 7 -5.96 26.72 22.71
CA VAL D 7 -6.19 25.94 23.93
C VAL D 7 -6.74 26.82 25.03
N GLU D 8 -6.21 28.04 25.17
CA GLU D 8 -6.73 28.97 26.16
C GLU D 8 -8.15 29.40 25.82
N ILE D 9 -8.44 29.65 24.55
CA ILE D 9 -9.80 30.00 24.14
C ILE D 9 -10.75 28.86 24.49
N HIS D 10 -10.35 27.63 24.15
CA HIS D 10 -11.21 26.48 24.38
C HIS D 10 -11.59 26.35 25.85
N ARG D 11 -10.64 26.61 26.75
CA ARG D 11 -10.92 26.50 28.18
C ARG D 11 -11.64 27.72 28.71
N ASN D 12 -11.41 28.90 28.13
CA ASN D 12 -12.22 30.07 28.48
C ASN D 12 -13.68 29.83 28.14
N LEU D 13 -13.96 29.17 27.02
CA LEU D 13 -15.34 28.88 26.65
C LEU D 13 -15.98 27.89 27.60
N LYS D 14 -15.21 26.90 28.09
CA LYS D 14 -15.73 25.99 29.11
C LYS D 14 -16.19 26.76 30.34
N GLY D 15 -15.34 27.64 30.85
CA GLY D 15 -15.70 28.42 32.02
C GLY D 15 -16.86 29.36 31.77
N LEU D 16 -16.95 29.90 30.56
CA LEU D 16 -18.09 30.75 30.22
C LEU D 16 -19.40 29.98 30.35
N ARG D 17 -19.44 28.75 29.82
CA ARG D 17 -20.66 27.97 29.89
C ARG D 17 -21.03 27.65 31.34
N LYS D 18 -20.04 27.30 32.17
CA LYS D 18 -20.30 27.11 33.58
C LYS D 18 -20.87 28.39 34.21
N TYR D 19 -20.29 29.54 33.87
CA TYR D 19 -20.72 30.79 34.48
C TYR D 19 -22.10 31.21 34.02
N MET D 20 -22.53 30.78 32.82
CA MET D 20 -23.89 31.07 32.40
C MET D 20 -24.89 30.38 33.30
N ALA D 21 -24.60 29.13 33.69
CA ALA D 21 -25.46 28.41 34.61
C ALA D 21 -25.47 29.08 35.99
N GLU D 22 -24.32 29.58 36.43
CA GLU D 22 -24.27 30.29 37.71
C GLU D 22 -25.11 31.55 37.67
N GLN D 23 -25.00 32.32 36.59
CA GLN D 23 -25.82 33.52 36.45
C GLN D 23 -27.30 33.19 36.52
N ALA D 24 -27.71 32.08 35.92
CA ALA D 24 -29.12 31.75 35.85
C ALA D 24 -29.71 31.48 37.23
N LYS D 25 -28.86 31.20 38.23
CA LYS D 25 -29.34 31.00 39.60
C LYS D 25 -29.74 32.29 40.29
N THR D 26 -29.35 33.44 39.73
CA THR D 26 -29.67 34.73 40.32
C THR D 26 -30.28 35.71 39.32
N ASN D 27 -30.44 35.30 38.06
CA ASN D 27 -30.98 36.17 37.02
C ASN D 27 -32.20 35.47 36.43
N LEU D 28 -33.40 35.94 36.81
CA LEU D 28 -34.62 35.27 36.39
C LEU D 28 -34.86 35.43 34.89
N LYS D 29 -34.59 36.62 34.34
CA LYS D 29 -34.80 36.81 32.91
C LYS D 29 -33.87 35.93 32.09
N LEU D 30 -32.61 35.80 32.53
CA LEU D 30 -31.70 34.89 31.87
C LEU D 30 -32.19 33.45 31.97
N LYS D 31 -32.63 33.04 33.17
CA LYS D 31 -33.11 31.69 33.38
C LYS D 31 -34.28 31.36 32.46
N GLN D 32 -35.16 32.34 32.22
CA GLN D 32 -36.38 32.07 31.46
C GLN D 32 -36.14 31.92 29.97
N ARG D 33 -35.05 32.47 29.43
CA ARG D 33 -34.81 32.45 27.99
C ARG D 33 -33.61 31.62 27.56
N MET D 34 -32.59 31.46 28.42
CA MET D 34 -31.31 30.91 27.97
C MET D 34 -31.47 29.52 27.39
N GLY D 35 -32.22 28.65 28.08
CA GLY D 35 -32.36 27.28 27.62
C GLY D 35 -33.06 27.18 26.28
N ASP D 36 -34.12 27.97 26.08
CA ASP D 36 -34.85 27.91 24.82
C ASP D 36 -33.99 28.41 23.65
N MET D 37 -33.20 29.46 23.88
CA MET D 37 -32.31 29.97 22.83
C MET D 37 -31.29 28.91 22.43
N ARG D 38 -30.69 28.24 23.42
N ARG D 38 -30.69 28.24 23.42
CA ARG D 38 -29.76 27.16 23.12
CA ARG D 38 -29.77 27.16 23.12
C ARG D 38 -30.43 26.09 22.27
C ARG D 38 -30.43 26.08 22.28
N ARG D 39 -31.59 25.60 22.72
CA ARG D 39 -32.27 24.52 22.00
C ARG D 39 -32.69 24.94 20.60
N GLU D 40 -33.06 26.21 20.41
CA GLU D 40 -33.52 26.67 19.10
C GLU D 40 -32.36 26.80 18.13
N ILE D 41 -31.17 27.17 18.61
CA ILE D 41 -29.98 27.18 17.76
C ILE D 41 -29.60 25.75 17.38
N ARG D 42 -29.53 24.85 18.37
CA ARG D 42 -29.15 23.47 18.08
C ARG D 42 -30.13 22.81 17.13
N LYS D 43 -31.43 23.04 17.36
CA LYS D 43 -32.45 22.48 16.46
C LYS D 43 -32.28 23.00 15.04
N SER D 44 -32.09 24.31 14.90
CA SER D 44 -31.98 24.90 13.57
C SER D 44 -30.76 24.37 12.82
N VAL D 45 -29.60 24.32 13.50
CA VAL D 45 -28.42 23.74 12.87
C VAL D 45 -28.69 22.30 12.44
N GLY D 46 -29.35 21.53 13.30
CA GLY D 46 -29.64 20.14 13.00
C GLY D 46 -30.53 19.94 11.79
N GLN D 47 -31.25 20.96 11.36
CA GLN D 47 -32.16 20.86 10.23
C GLN D 47 -31.53 21.28 8.90
N LEU D 48 -30.26 21.71 8.92
CA LEU D 48 -29.61 22.13 7.68
C LEU D 48 -29.27 20.93 6.81
N THR D 49 -28.70 19.87 7.40
CA THR D 49 -28.24 18.73 6.61
C THR D 49 -29.37 18.08 5.83
N THR D 50 -30.61 18.21 6.29
CA THR D 50 -31.74 17.60 5.62
C THR D 50 -32.71 18.67 5.13
N GLY D 51 -32.20 19.64 4.37
CA GLY D 51 -33.04 20.72 3.86
C GLY D 51 -32.46 21.32 2.60
N GLY D 52 -33.32 22.06 1.89
CA GLY D 52 -32.94 22.73 0.67
C GLY D 52 -32.50 24.17 0.91
N MET D 53 -32.18 24.86 -0.18
CA MET D 53 -31.64 26.21 -0.09
C MET D 53 -32.60 27.14 0.64
N ALA D 54 -33.91 27.06 0.33
CA ALA D 54 -34.87 27.98 0.93
C ALA D 54 -35.11 27.64 2.40
N ALA D 55 -35.29 26.35 2.72
CA ALA D 55 -35.45 25.95 4.11
C ALA D 55 -34.22 26.29 4.93
N ASN D 56 -33.02 26.08 4.36
CA ASN D 56 -31.80 26.41 5.08
C ASN D 56 -31.67 27.90 5.33
N LYS D 57 -32.10 28.72 4.37
CA LYS D 57 -32.09 30.17 4.59
C LYS D 57 -32.99 30.54 5.76
N ASP D 58 -34.12 29.84 5.90
CA ASP D 58 -35.02 30.12 7.02
C ASP D 58 -34.37 29.74 8.35
N LYS D 59 -33.70 28.58 8.40
CA LYS D 59 -33.02 28.20 9.63
C LYS D 59 -31.92 29.20 9.97
N GLN D 60 -31.25 29.74 8.96
CA GLN D 60 -30.24 30.76 9.19
C GLN D 60 -30.85 32.02 9.77
N GLN D 61 -31.99 32.46 9.23
CA GLN D 61 -32.66 33.63 9.76
C GLN D 61 -33.06 33.43 11.22
N LYS D 62 -33.46 32.20 11.57
CA LYS D 62 -33.83 31.91 12.96
C LYS D 62 -32.65 32.10 13.89
N ILE D 63 -31.49 31.55 13.50
CA ILE D 63 -30.29 31.69 14.33
C ILE D 63 -29.90 33.16 14.46
N LYS D 64 -29.97 33.90 13.35
CA LYS D 64 -29.63 35.32 13.40
C LYS D 64 -30.57 36.10 14.31
N SER D 65 -31.85 35.70 14.37
CA SER D 65 -32.79 36.37 15.26
C SER D 65 -32.45 36.10 16.72
N ILE D 66 -32.07 34.87 17.05
CA ILE D 66 -31.69 34.54 18.42
C ILE D 66 -30.42 35.29 18.82
N LEU D 67 -29.43 35.32 17.93
CA LEU D 67 -28.20 36.03 18.25
C LEU D 67 -28.42 37.54 18.32
N THR D 68 -29.31 38.07 17.49
CA THR D 68 -29.64 39.49 17.60
C THR D 68 -30.27 39.79 18.96
N GLU D 69 -31.19 38.94 19.41
CA GLU D 69 -31.79 39.10 20.73
C GLU D 69 -30.73 39.00 21.83
N ALA D 70 -29.77 38.10 21.66
CA ALA D 70 -28.73 37.95 22.67
C ALA D 70 -27.84 39.18 22.72
N LEU D 71 -27.55 39.77 21.56
CA LEU D 71 -26.67 40.95 21.53
C LEU D 71 -27.33 42.14 22.21
N SER D 72 -28.65 42.31 22.05
CA SER D 72 -29.33 43.39 22.74
C SER D 72 -29.29 43.21 24.25
N ASN D 73 -29.16 41.96 24.72
CA ASN D 73 -28.94 41.66 26.13
C ASN D 73 -30.06 42.19 27.01
N GLN D 74 -31.31 41.95 26.59
CA GLN D 74 -32.45 42.26 27.44
C GLN D 74 -32.54 41.35 28.66
N VAL D 75 -31.91 40.17 28.61
CA VAL D 75 -31.80 39.33 29.79
C VAL D 75 -30.81 39.87 30.80
N GLU D 76 -30.04 40.89 30.43
CA GLU D 76 -29.09 41.55 31.34
C GLU D 76 -28.05 40.57 31.88
N SER D 77 -27.49 39.76 30.98
CA SER D 77 -26.40 38.88 31.37
C SER D 77 -25.12 39.70 31.58
N ALA D 78 -24.21 39.14 32.37
CA ALA D 78 -22.93 39.80 32.61
C ALA D 78 -22.22 40.06 31.29
N LEU D 79 -21.41 41.12 31.28
CA LEU D 79 -20.57 41.44 30.13
C LEU D 79 -19.20 40.80 30.28
N VAL D 80 -18.54 40.54 29.16
CA VAL D 80 -17.25 39.86 29.13
C VAL D 80 -16.36 40.52 28.08
N ASP D 81 -15.04 40.44 28.32
CA ASP D 81 -14.05 40.94 27.38
C ASP D 81 -13.89 39.94 26.25
N PRO D 82 -14.27 40.27 25.02
CA PRO D 82 -14.17 39.27 23.94
C PRO D 82 -12.74 38.89 23.59
N ASN D 83 -11.74 39.63 24.06
CA ASN D 83 -10.35 39.24 23.83
C ASN D 83 -10.01 37.90 24.46
N ASN D 84 -10.84 37.43 25.39
CA ASN D 84 -10.68 36.08 25.92
C ASN D 84 -10.97 35.00 24.89
N PHE D 85 -11.57 35.36 23.74
CA PHE D 85 -12.05 34.35 22.80
C PHE D 85 -11.56 34.61 21.38
N VAL D 86 -10.56 35.46 21.20
CA VAL D 86 -9.93 35.66 19.90
C VAL D 86 -8.42 35.51 20.06
N VAL D 87 -7.76 35.08 18.99
CA VAL D 87 -6.34 34.75 19.06
C VAL D 87 -5.53 36.00 19.39
N GLU D 88 -5.67 37.04 18.58
CA GLU D 88 -4.90 38.26 18.77
C GLU D 88 -5.78 39.35 19.35
N PRO D 89 -5.37 40.02 20.43
CA PRO D 89 -6.21 41.09 20.98
C PRO D 89 -6.52 42.16 19.96
N ARG D 90 -7.74 42.68 20.02
CA ARG D 90 -8.22 43.67 19.08
C ARG D 90 -8.41 45.02 19.77
N LYS D 91 -8.00 46.08 19.09
CA LYS D 91 -8.27 47.43 19.50
C LYS D 91 -9.30 48.05 18.56
N PRO D 92 -9.93 49.17 18.95
CA PRO D 92 -10.99 49.73 18.11
C PRO D 92 -10.52 49.98 16.68
N VAL D 93 -11.46 49.82 15.75
CA VAL D 93 -11.22 50.06 14.33
C VAL D 93 -12.21 51.11 13.85
N GLU D 94 -11.71 52.07 13.08
CA GLU D 94 -12.57 53.14 12.57
C GLU D 94 -13.59 52.58 11.60
N GLY D 95 -14.84 53.03 11.74
CA GLY D 95 -15.94 52.58 10.91
C GLY D 95 -16.57 51.27 11.33
N ALA D 96 -15.97 50.54 12.27
CA ALA D 96 -16.51 49.26 12.69
C ALA D 96 -17.86 49.42 13.38
N THR D 97 -18.71 48.41 13.21
CA THR D 97 -20.07 48.47 13.77
C THR D 97 -20.05 48.38 15.29
N ASN D 98 -19.15 47.57 15.86
CA ASN D 98 -19.13 47.33 17.30
C ASN D 98 -17.70 47.40 17.80
N ASN D 99 -17.34 48.56 18.38
CA ASN D 99 -16.05 48.75 19.00
C ASN D 99 -16.11 48.66 20.52
N ASP D 100 -17.24 48.24 21.08
CA ASP D 100 -17.36 48.17 22.53
C ASP D 100 -16.30 47.22 23.09
N PRO D 101 -15.68 47.55 24.23
CA PRO D 101 -14.70 46.64 24.84
C PRO D 101 -15.31 45.44 25.54
N LEU D 102 -16.63 45.39 25.69
CA LEU D 102 -17.31 44.28 26.35
C LEU D 102 -18.50 43.84 25.51
N LEU D 103 -18.76 42.53 25.52
CA LEU D 103 -19.92 41.95 24.87
C LEU D 103 -20.77 41.22 25.90
N PRO D 104 -22.07 41.07 25.65
CA PRO D 104 -22.90 40.29 26.56
C PRO D 104 -22.47 38.83 26.58
N SER D 105 -22.33 38.28 27.78
CA SER D 105 -21.98 36.87 27.92
C SER D 105 -22.99 35.97 27.22
N ILE D 106 -24.27 36.34 27.23
CA ILE D 106 -25.28 35.52 26.55
C ILE D 106 -24.98 35.44 25.05
N PHE D 107 -24.46 36.52 24.48
CA PHE D 107 -24.14 36.52 23.05
C PHE D 107 -22.94 35.62 22.76
N VAL D 108 -21.85 35.80 23.50
CA VAL D 108 -20.67 34.95 23.30
C VAL D 108 -21.03 33.49 23.55
N TYR D 109 -21.84 33.24 24.59
CA TYR D 109 -22.23 31.87 24.91
C TYR D 109 -22.93 31.20 23.74
N LEU D 110 -23.85 31.91 23.08
CA LEU D 110 -24.63 31.32 22.00
C LEU D 110 -23.85 31.21 20.70
N ILE D 111 -22.82 32.03 20.49
CA ILE D 111 -21.90 31.74 19.41
C ILE D 111 -21.21 30.41 19.66
N ASN D 112 -20.80 30.18 20.92
CA ASN D 112 -20.16 28.93 21.29
C ASN D 112 -21.10 27.74 21.09
N ILE D 113 -22.38 27.91 21.46
CA ILE D 113 -23.36 26.87 21.21
C ILE D 113 -23.51 26.63 19.72
N PHE D 114 -23.55 27.71 18.94
CA PHE D 114 -23.63 27.60 17.48
C PHE D 114 -22.43 26.86 16.91
N ALA D 115 -21.22 27.18 17.40
CA ALA D 115 -20.03 26.51 16.90
C ALA D 115 -20.01 25.05 17.30
N LYS D 116 -20.40 24.76 18.55
CA LYS D 116 -20.45 23.38 19.00
C LYS D 116 -21.47 22.57 18.20
N ALA D 117 -22.61 23.17 17.87
CA ALA D 117 -23.60 22.45 17.09
C ALA D 117 -23.12 22.18 15.67
N ALA D 118 -22.46 23.16 15.05
CA ALA D 118 -21.92 22.96 13.71
C ALA D 118 -20.90 21.82 13.71
N ILE D 119 -19.98 21.83 14.68
CA ILE D 119 -18.99 20.76 14.79
C ILE D 119 -19.68 19.41 14.92
N SER D 120 -20.75 19.35 15.71
CA SER D 120 -21.43 18.08 15.93
C SER D 120 -22.09 17.57 14.65
N GLN D 121 -22.61 18.48 13.82
CA GLN D 121 -23.18 18.06 12.55
C GLN D 121 -22.12 17.50 11.61
N PHE D 122 -20.93 18.11 11.58
CA PHE D 122 -19.85 17.55 10.78
C PHE D 122 -19.55 16.12 11.23
N ILE D 123 -19.43 15.91 12.54
CA ILE D 123 -19.05 14.61 13.05
C ILE D 123 -20.15 13.59 12.84
N ASN D 124 -21.39 13.95 13.16
CA ASN D 124 -22.48 12.97 13.20
C ASN D 124 -23.14 12.74 11.84
N GLU D 125 -23.05 13.69 10.91
CA GLU D 125 -23.70 13.56 9.62
C GLU D 125 -22.72 13.56 8.46
N ALA D 126 -21.74 14.47 8.47
CA ALA D 126 -20.78 14.48 7.37
C ALA D 126 -19.80 13.32 7.44
N GLY D 127 -19.73 12.62 8.57
CA GLY D 127 -18.91 11.42 8.65
C GLY D 127 -19.44 10.32 7.76
N ALA D 128 -20.76 10.21 7.63
CA ALA D 128 -21.38 9.24 6.74
C ALA D 128 -21.62 9.82 5.34
N ARG D 129 -22.09 11.06 5.25
CA ARG D 129 -22.41 11.71 4.00
C ARG D 129 -21.67 13.04 3.92
N PRO D 130 -20.42 13.04 3.44
CA PRO D 130 -19.64 14.28 3.43
C PRO D 130 -20.33 15.45 2.73
N GLU D 131 -21.25 15.19 1.82
CA GLU D 131 -21.94 16.26 1.12
C GLU D 131 -22.75 17.14 2.06
N THR D 132 -23.15 16.61 3.22
CA THR D 132 -23.97 17.36 4.16
C THR D 132 -23.18 18.44 4.90
N ALA D 133 -21.85 18.47 4.76
CA ALA D 133 -21.05 19.51 5.41
C ALA D 133 -21.26 20.88 4.79
N ASP D 134 -21.48 20.93 3.47
CA ASP D 134 -21.54 22.20 2.77
C ASP D 134 -22.64 23.12 3.31
N PRO D 135 -23.89 22.67 3.50
CA PRO D 135 -24.90 23.60 4.04
C PRO D 135 -24.60 24.06 5.46
N VAL D 136 -24.02 23.20 6.30
CA VAL D 136 -23.61 23.66 7.63
C VAL D 136 -22.55 24.74 7.49
N GLY D 137 -21.57 24.53 6.61
CA GLY D 137 -20.54 25.52 6.41
C GLY D 137 -21.07 26.84 5.90
N ILE D 138 -22.00 26.79 4.94
CA ILE D 138 -22.63 28.01 4.45
C ILE D 138 -23.24 28.78 5.61
N CYS D 139 -23.97 28.09 6.49
CA CYS D 139 -24.62 28.75 7.61
C CYS D 139 -23.59 29.37 8.55
N VAL D 140 -22.51 28.65 8.85
CA VAL D 140 -21.47 29.19 9.72
C VAL D 140 -20.91 30.48 9.13
N ALA D 141 -20.57 30.45 7.84
CA ALA D 141 -19.96 31.62 7.20
C ALA D 141 -20.93 32.78 7.12
N ALA D 142 -22.21 32.51 6.84
CA ALA D 142 -23.19 33.58 6.75
C ALA D 142 -23.41 34.26 8.10
N ILE D 143 -23.54 33.47 9.16
CA ILE D 143 -23.80 34.03 10.48
C ILE D 143 -22.58 34.79 10.98
N LEU D 144 -21.42 34.15 10.98
CA LEU D 144 -20.25 34.78 11.58
C LEU D 144 -19.81 36.04 10.83
N SER D 145 -20.19 36.18 9.57
CA SER D 145 -19.84 37.37 8.80
C SER D 145 -20.90 38.46 8.86
N GLU D 146 -21.99 38.25 9.58
CA GLU D 146 -23.03 39.28 9.68
C GLU D 146 -22.42 40.55 10.24
N PRO D 147 -22.61 41.72 9.60
CA PRO D 147 -22.01 42.95 10.13
C PRO D 147 -22.34 43.21 11.60
N ASP D 148 -23.55 42.88 12.05
CA ASP D 148 -23.92 43.12 13.44
C ASP D 148 -23.20 42.20 14.42
N PHE D 149 -22.63 41.10 13.95
CA PHE D 149 -21.97 40.14 14.84
C PHE D 149 -20.46 40.23 14.77
N LEU D 150 -19.93 41.24 14.10
CA LEU D 150 -18.49 41.48 14.09
C LEU D 150 -18.12 42.28 15.33
N TRP D 151 -16.98 41.94 15.93
CA TRP D 151 -16.45 42.68 17.05
C TRP D 151 -15.14 43.35 16.61
N ARG D 152 -15.15 44.68 16.60
CA ARG D 152 -13.99 45.47 16.22
C ARG D 152 -13.46 45.07 14.85
N GLY D 153 -14.39 44.93 13.89
CA GLY D 153 -14.05 44.80 12.49
C GLY D 153 -13.90 43.38 11.97
N ALA D 154 -13.84 42.38 12.84
CA ALA D 154 -13.63 41.01 12.40
C ALA D 154 -14.58 40.08 13.14
N SER D 155 -14.73 38.88 12.59
CA SER D 155 -15.68 37.92 13.13
C SER D 155 -15.13 37.26 14.39
N LEU D 156 -16.00 36.51 15.06
CA LEU D 156 -15.64 35.72 16.23
C LEU D 156 -15.41 34.24 15.87
N ILE D 157 -14.93 33.97 14.66
CA ILE D 157 -14.78 32.59 14.21
C ILE D 157 -13.71 31.85 15.00
N ASP D 158 -12.83 32.56 15.71
CA ASP D 158 -11.85 31.90 16.55
C ASP D 158 -12.50 30.98 17.59
N ILE D 159 -13.77 31.24 17.95
CA ILE D 159 -14.50 30.34 18.83
C ILE D 159 -14.71 28.98 18.17
N LEU D 160 -14.98 28.98 16.86
CA LEU D 160 -15.17 27.72 16.15
C LEU D 160 -13.83 27.01 15.90
N ILE D 161 -12.82 27.76 15.47
CA ILE D 161 -11.52 27.16 15.15
C ILE D 161 -10.88 26.57 16.39
N ALA D 162 -11.06 27.22 17.55
CA ALA D 162 -10.53 26.66 18.79
C ALA D 162 -11.04 25.25 19.01
N LYS D 163 -12.29 24.97 18.67
CA LYS D 163 -12.83 23.62 18.81
C LYS D 163 -12.34 22.71 17.70
N PHE D 164 -12.27 23.23 16.46
CA PHE D 164 -11.72 22.44 15.36
C PHE D 164 -10.31 21.93 15.71
N ARG D 165 -9.51 22.78 16.33
CA ARG D 165 -8.15 22.39 16.72
C ARG D 165 -8.16 21.22 17.70
N ILE D 166 -9.20 21.12 18.53
CA ILE D 166 -9.30 20.04 19.49
C ILE D 166 -9.61 18.72 18.79
N VAL D 167 -10.57 18.76 17.87
CA VAL D 167 -11.14 17.51 17.34
C VAL D 167 -10.48 17.03 16.05
N CYS D 168 -9.74 17.88 15.35
CA CYS D 168 -9.05 17.50 14.12
C CYS D 168 -7.69 18.17 14.06
N PRO D 169 -6.76 17.74 14.91
CA PRO D 169 -5.46 18.44 15.00
C PRO D 169 -4.61 18.33 13.75
N VAL D 170 -4.81 17.33 12.90
CA VAL D 170 -3.95 17.17 11.72
C VAL D 170 -4.12 18.34 10.76
N LEU D 171 -5.28 19.00 10.77
CA LEU D 171 -5.49 20.16 9.92
C LEU D 171 -4.61 21.33 10.30
N PHE D 172 -3.99 21.28 11.48
CA PHE D 172 -3.18 22.37 11.98
C PHE D 172 -1.72 21.95 12.16
N GLY D 173 -1.31 20.85 11.51
CA GLY D 173 0.09 20.47 11.43
C GLY D 173 0.52 19.41 12.40
N TYR D 174 -0.39 18.84 13.18
CA TYR D 174 -0.01 17.87 14.19
C TYR D 174 0.10 16.47 13.58
N ARG D 175 1.03 15.70 14.12
CA ARG D 175 1.31 14.35 13.64
C ARG D 175 1.45 13.43 14.83
N GLY D 176 1.28 12.14 14.58
CA GLY D 176 1.45 11.16 15.63
C GLY D 176 1.19 9.78 15.08
N SER D 177 1.60 8.79 15.87
CA SER D 177 1.36 7.40 15.54
C SER D 177 -0.01 6.97 16.05
N GLU D 178 -0.77 6.28 15.20
CA GLU D 178 -2.02 5.66 15.64
C GLU D 178 -1.78 4.43 16.51
N LYS D 179 -0.51 4.07 16.77
CA LYS D 179 -0.18 2.88 17.53
C LYS D 179 0.35 3.19 18.92
N THR D 180 0.46 4.45 19.30
CA THR D 180 0.87 4.85 20.64
C THR D 180 -0.23 5.69 21.29
N GLU D 181 -0.26 5.69 22.62
CA GLU D 181 -1.23 6.49 23.35
C GLU D 181 -0.96 7.98 23.14
N GLN D 182 0.30 8.40 23.24
CA GLN D 182 0.65 9.78 22.98
C GLN D 182 0.33 10.16 21.54
N GLY D 183 0.53 9.24 20.60
CA GLY D 183 0.26 9.54 19.21
C GLY D 183 -1.22 9.69 18.92
N ARG D 184 -2.04 8.81 19.49
CA ARG D 184 -3.48 8.93 19.31
C ARG D 184 -4.02 10.24 19.87
N GLN D 185 -3.44 10.71 20.97
CA GLN D 185 -3.89 11.97 21.56
C GLN D 185 -3.51 13.16 20.69
N ARG D 186 -2.33 13.12 20.07
CA ARG D 186 -1.92 14.21 19.18
C ARG D 186 -2.77 14.24 17.90
N LEU D 187 -3.30 13.09 17.50
CA LEU D 187 -4.10 12.98 16.29
C LEU D 187 -5.58 13.28 16.52
N GLY D 188 -5.99 13.55 17.76
CA GLY D 188 -7.39 13.78 18.04
C GLY D 188 -8.24 12.53 18.06
N TRP D 189 -7.64 11.36 18.27
CA TRP D 189 -8.38 10.12 18.40
C TRP D 189 -9.24 10.19 19.65
N TRP D 190 -10.57 10.13 19.47
CA TRP D 190 -11.47 10.49 20.55
C TRP D 190 -11.69 9.31 21.51
N LYS D 191 -12.36 9.61 22.61
CA LYS D 191 -12.70 8.63 23.62
C LYS D 191 -14.18 8.72 23.95
N GLU D 192 -14.79 7.58 24.26
CA GLU D 192 -16.16 7.49 24.72
C GLU D 192 -16.14 6.81 26.07
N SER D 193 -16.42 7.58 27.13
CA SER D 193 -16.44 7.07 28.49
C SER D 193 -15.09 6.45 28.85
N GLY D 194 -14.02 7.17 28.54
CA GLY D 194 -12.69 6.82 28.97
C GLY D 194 -11.94 5.83 28.09
N GLN D 195 -12.60 5.20 27.12
CA GLN D 195 -11.96 4.22 26.26
C GLN D 195 -11.90 4.72 24.82
N TRP D 196 -10.84 4.33 24.11
CA TRP D 196 -10.66 4.75 22.72
C TRP D 196 -11.82 4.28 21.86
N ILE D 197 -12.34 5.18 21.01
CA ILE D 197 -13.33 4.79 20.03
C ILE D 197 -12.69 3.87 18.99
N SER D 198 -13.53 3.15 18.26
CA SER D 198 -13.02 2.22 17.26
C SER D 198 -12.34 2.99 16.13
N GLU D 199 -11.44 2.29 15.42
CA GLU D 199 -10.76 2.91 14.30
C GLU D 199 -11.76 3.40 13.27
N GLN D 200 -12.83 2.62 13.03
CA GLN D 200 -13.83 3.02 12.06
C GLN D 200 -14.55 4.30 12.49
N GLN D 201 -14.92 4.40 13.76
CA GLN D 201 -15.56 5.62 14.23
C GLN D 201 -14.59 6.80 14.15
N HIS D 202 -13.32 6.56 14.48
CA HIS D 202 -12.31 7.62 14.37
C HIS D 202 -12.21 8.14 12.95
N MET D 203 -12.20 7.24 11.96
CA MET D 203 -12.06 7.67 10.58
C MET D 203 -13.32 8.37 10.07
N ASP D 204 -14.48 8.02 10.62
CA ASP D 204 -15.70 8.73 10.28
C ASP D 204 -15.65 10.17 10.82
N ARG D 205 -15.20 10.35 12.06
CA ARG D 205 -15.01 11.70 12.59
C ARG D 205 -14.07 12.51 11.69
N MET D 206 -12.93 11.92 11.32
CA MET D 206 -11.96 12.63 10.48
C MET D 206 -12.55 12.98 9.13
N THR D 207 -13.40 12.11 8.57
CA THR D 207 -14.02 12.41 7.29
C THR D 207 -14.95 13.60 7.40
N GLY D 208 -15.81 13.62 8.44
CA GLY D 208 -16.73 14.72 8.59
C GLY D 208 -16.04 16.04 8.90
N LEU D 209 -14.96 15.98 9.67
CA LEU D 209 -14.23 17.19 10.01
C LEU D 209 -13.37 17.67 8.86
N GLY D 210 -12.80 16.76 8.07
CA GLY D 210 -12.13 17.18 6.84
C GLY D 210 -13.07 17.91 5.91
N ALA D 211 -14.26 17.34 5.68
CA ALA D 211 -15.24 17.96 4.80
C ALA D 211 -15.81 19.25 5.39
N GLY D 212 -15.96 19.29 6.71
CA GLY D 212 -16.48 20.50 7.34
C GLY D 212 -15.47 21.64 7.31
N PHE D 213 -14.19 21.32 7.47
CA PHE D 213 -13.16 22.35 7.37
C PHE D 213 -13.14 22.96 5.98
N ALA D 214 -13.21 22.12 4.95
CA ALA D 214 -13.30 22.63 3.59
C ALA D 214 -14.56 23.46 3.41
N ALA D 215 -15.66 23.06 4.05
CA ALA D 215 -16.93 23.77 3.88
C ALA D 215 -16.86 25.20 4.42
N ILE D 216 -16.03 25.44 5.45
CA ILE D 216 -15.91 26.78 6.01
C ILE D 216 -14.75 27.56 5.41
N SER D 217 -13.74 26.89 4.86
CA SER D 217 -12.55 27.58 4.35
C SER D 217 -12.59 27.81 2.85
N LEU D 218 -13.56 27.23 2.13
CA LEU D 218 -13.65 27.44 0.69
C LEU D 218 -14.98 28.08 0.31
N ARG D 219 -15.32 29.21 0.92
CA ARG D 219 -16.55 29.91 0.62
C ARG D 219 -16.26 31.14 -0.23
N LYS D 220 -17.25 31.54 -1.02
CA LYS D 220 -17.12 32.66 -1.95
C LYS D 220 -17.86 33.88 -1.40
N PHE D 221 -17.12 34.97 -1.18
CA PHE D 221 -17.71 36.22 -0.72
C PHE D 221 -17.56 37.34 -1.75
N ALA D 222 -17.04 37.04 -2.94
CA ALA D 222 -16.76 38.08 -3.92
C ALA D 222 -18.04 38.81 -4.35
N LEU D 223 -19.15 38.08 -4.49
CA LEU D 223 -20.42 38.67 -4.88
C LEU D 223 -21.25 39.11 -3.69
N SER D 224 -20.65 39.21 -2.50
CA SER D 224 -21.36 39.59 -1.29
C SER D 224 -20.70 40.81 -0.67
N LYS D 225 -21.53 41.65 -0.03
CA LYS D 225 -21.01 42.79 0.71
C LYS D 225 -20.40 42.39 2.05
N LYS D 226 -20.53 41.13 2.46
CA LYS D 226 -19.89 40.66 3.68
C LYS D 226 -18.43 40.30 3.39
N GLN D 227 -17.63 40.25 4.46
CA GLN D 227 -16.25 39.80 4.38
C GLN D 227 -16.15 38.34 4.77
N ASN D 228 -15.28 37.62 4.08
CA ASN D 228 -15.06 36.20 4.35
C ASN D 228 -14.43 36.04 5.74
N PRO D 229 -15.08 35.33 6.67
CA PRO D 229 -14.52 35.22 8.02
C PRO D 229 -13.39 34.21 8.15
N TYR D 230 -13.26 33.27 7.22
CA TYR D 230 -12.17 32.28 7.23
C TYR D 230 -11.79 32.00 5.78
N PRO D 231 -10.93 32.84 5.19
CA PRO D 231 -10.74 32.81 3.73
C PRO D 231 -9.87 31.65 3.28
N PRO D 232 -9.78 31.43 1.96
CA PRO D 232 -9.15 30.20 1.45
C PRO D 232 -7.66 30.06 1.74
N ARG D 233 -6.95 31.12 2.16
CA ARG D 233 -5.55 30.93 2.50
C ARG D 233 -5.38 29.90 3.62
N PHE D 234 -6.36 29.81 4.53
CA PHE D 234 -6.26 28.82 5.60
C PHE D 234 -6.48 27.40 5.07
N TYR D 235 -7.26 27.25 4.01
CA TYR D 235 -7.35 25.95 3.34
C TYR D 235 -6.00 25.56 2.75
N TRP D 236 -5.38 26.49 2.01
CA TRP D 236 -4.08 26.22 1.40
C TRP D 236 -3.05 25.83 2.46
N MET D 237 -2.97 26.59 3.54
CA MET D 237 -1.97 26.31 4.57
C MET D 237 -2.19 24.95 5.21
N ALA D 238 -3.44 24.59 5.48
CA ALA D 238 -3.73 23.32 6.13
C ALA D 238 -3.33 22.15 5.24
N MET D 239 -3.70 22.18 3.96
CA MET D 239 -3.33 21.10 3.06
C MET D 239 -1.81 20.97 2.94
N ALA D 240 -1.10 22.10 2.93
CA ALA D 240 0.35 22.08 2.78
C ALA D 240 1.00 21.38 3.96
N LYS D 241 0.55 21.68 5.18
CA LYS D 241 1.12 21.04 6.35
C LYS D 241 0.95 19.52 6.29
N ILE D 242 -0.19 19.05 5.77
CA ILE D 242 -0.42 17.61 5.68
C ILE D 242 0.52 16.99 4.64
N VAL D 243 0.51 17.53 3.41
CA VAL D 243 1.17 16.86 2.30
C VAL D 243 2.69 17.00 2.32
N ASN D 244 3.25 17.79 3.23
CA ASN D 244 4.68 17.92 3.39
C ASN D 244 5.22 17.10 4.56
N THR D 245 4.39 16.22 5.13
CA THR D 245 4.84 15.43 6.27
C THR D 245 5.94 14.46 5.83
N PRO D 246 6.99 14.29 6.64
CA PRO D 246 8.00 13.29 6.30
C PRO D 246 7.38 11.91 6.22
N PRO D 247 7.90 11.04 5.34
CA PRO D 247 7.19 9.79 5.06
C PRO D 247 7.00 8.89 6.26
N ALA D 248 7.95 8.85 7.18
CA ALA D 248 7.83 7.97 8.35
C ALA D 248 6.74 8.43 9.31
N GLU D 249 6.37 9.71 9.29
CA GLU D 249 5.39 10.26 10.20
C GLU D 249 3.97 10.30 9.62
N ILE D 250 3.78 9.78 8.40
CA ILE D 250 2.46 9.82 7.76
C ILE D 250 1.55 8.78 8.39
N SER D 251 0.31 9.17 8.63
CA SER D 251 -0.70 8.28 9.21
C SER D 251 -1.92 8.23 8.30
N ASN D 252 -2.67 7.14 8.41
CA ASN D 252 -3.94 7.03 7.70
C ASN D 252 -4.87 8.17 8.08
N THR D 253 -4.77 8.67 9.32
CA THR D 253 -5.57 9.80 9.76
C THR D 253 -5.40 10.98 8.80
N GLN D 254 -4.14 11.36 8.53
CA GLN D 254 -3.88 12.46 7.61
C GLN D 254 -4.48 12.19 6.23
N CYS D 255 -4.35 10.95 5.74
CA CYS D 255 -4.86 10.63 4.41
C CYS D 255 -6.37 10.68 4.34
N VAL D 256 -7.05 10.30 5.44
CA VAL D 256 -8.50 10.32 5.45
C VAL D 256 -9.00 11.77 5.51
N VAL D 257 -8.37 12.59 6.35
CA VAL D 257 -8.71 14.01 6.39
C VAL D 257 -8.47 14.65 5.03
N LEU D 258 -7.34 14.30 4.41
CA LEU D 258 -6.96 14.93 3.15
C LEU D 258 -7.97 14.60 2.05
N LYS D 259 -8.40 13.35 1.95
CA LYS D 259 -9.39 13.00 0.94
C LYS D 259 -10.68 13.77 1.17
N ALA D 260 -11.05 13.98 2.44
CA ALA D 260 -12.29 14.67 2.75
C ALA D 260 -12.18 16.17 2.51
N MET D 261 -10.98 16.75 2.69
CA MET D 261 -10.77 18.15 2.34
C MET D 261 -10.94 18.39 0.85
N VAL D 262 -10.60 17.39 0.03
CA VAL D 262 -10.43 17.58 -1.41
C VAL D 262 -11.67 17.18 -2.18
N GLN D 263 -12.22 15.99 -1.89
CA GLN D 263 -13.28 15.44 -2.70
C GLN D 263 -14.52 16.33 -2.65
N ASN D 264 -14.97 16.78 -3.82
CA ASN D 264 -16.13 17.65 -4.05
C ASN D 264 -15.78 19.12 -3.86
N TYR D 265 -14.54 19.45 -3.49
CA TYR D 265 -14.13 20.83 -3.32
C TYR D 265 -13.06 21.24 -4.33
N GLU D 266 -12.75 20.37 -5.30
CA GLU D 266 -11.73 20.69 -6.30
C GLU D 266 -12.11 21.93 -7.10
N ALA D 267 -13.37 22.04 -7.54
CA ALA D 267 -13.78 23.18 -8.35
C ALA D 267 -13.62 24.49 -7.59
N LYS D 268 -14.00 24.51 -6.31
CA LYS D 268 -13.82 25.72 -5.52
C LYS D 268 -12.33 26.01 -5.30
N PHE D 269 -11.54 24.97 -5.06
CA PHE D 269 -10.11 25.16 -4.88
C PHE D 269 -9.50 25.83 -6.10
N ILE D 270 -9.87 25.35 -7.29
CA ILE D 270 -9.33 25.90 -8.53
C ILE D 270 -9.79 27.33 -8.75
N GLU D 271 -11.02 27.65 -8.37
CA GLU D 271 -11.51 29.01 -8.56
C GLU D 271 -10.65 30.01 -7.81
N PHE D 272 -10.18 29.64 -6.61
CA PHE D 272 -9.37 30.55 -5.82
C PHE D 272 -7.92 30.59 -6.27
N TYR D 273 -7.37 29.46 -6.73
CA TYR D 273 -5.93 29.35 -6.95
C TYR D 273 -5.54 28.86 -8.34
N GLY D 274 -6.49 28.55 -9.20
CA GLY D 274 -6.18 28.26 -10.59
C GLY D 274 -5.10 27.20 -10.74
N SER D 275 -4.05 27.55 -11.50
CA SER D 275 -2.99 26.60 -11.82
C SER D 275 -2.20 26.20 -10.58
N ALA D 276 -2.13 27.06 -9.57
CA ALA D 276 -1.49 26.67 -8.32
C ALA D 276 -2.26 25.55 -7.63
N ALA D 277 -3.59 25.55 -7.74
CA ALA D 277 -4.39 24.47 -7.17
C ALA D 277 -4.11 23.14 -7.87
N ILE D 278 -3.90 23.18 -9.18
CA ILE D 278 -3.57 21.97 -9.93
C ILE D 278 -2.28 21.36 -9.40
N ALA D 279 -1.26 22.22 -9.21
CA ALA D 279 0.02 21.73 -8.70
C ALA D 279 -0.13 21.19 -7.27
N ALA D 280 -0.98 21.82 -6.46
CA ALA D 280 -1.18 21.34 -5.10
C ALA D 280 -1.98 20.04 -5.10
N LEU D 281 -2.94 19.89 -6.01
CA LEU D 281 -3.66 18.62 -6.09
C LEU D 281 -2.72 17.50 -6.53
N ARG D 282 -1.80 17.80 -7.44
CA ARG D 282 -0.81 16.80 -7.84
C ARG D 282 0.00 16.34 -6.64
N THR D 283 0.47 17.27 -5.82
CA THR D 283 1.18 16.93 -4.60
C THR D 283 0.32 16.08 -3.67
N ALA D 284 -0.95 16.46 -3.50
CA ALA D 284 -1.79 15.80 -2.50
C ALA D 284 -2.22 14.41 -2.95
N LEU D 285 -2.51 14.23 -4.24
CA LEU D 285 -3.13 13.00 -4.71
C LEU D 285 -2.20 12.10 -5.52
N ILE D 286 -1.03 12.59 -5.94
CA ILE D 286 -0.08 11.77 -6.69
C ILE D 286 1.20 11.60 -5.88
N ASP D 287 1.86 12.72 -5.55
CA ASP D 287 3.16 12.65 -4.88
C ASP D 287 3.02 12.16 -3.44
N PHE D 288 2.02 12.67 -2.71
CA PHE D 288 1.87 12.30 -1.31
C PHE D 288 1.57 10.82 -1.14
N PRO D 289 0.61 10.22 -1.85
CA PRO D 289 0.40 8.76 -1.69
C PRO D 289 1.60 7.93 -2.12
N ALA D 290 2.31 8.36 -3.17
CA ALA D 290 3.41 7.55 -3.68
C ALA D 290 4.52 7.38 -2.65
N ARG D 291 4.82 8.45 -1.91
CA ARG D 291 5.91 8.42 -0.95
C ARG D 291 5.47 7.99 0.45
N ALA D 292 4.24 7.50 0.61
CA ALA D 292 3.81 6.96 1.89
C ALA D 292 4.26 5.52 2.02
N PRO D 293 5.10 5.17 3.00
CA PRO D 293 5.65 3.80 3.02
C PRO D 293 4.60 2.72 3.21
N HIS D 294 3.64 2.93 4.11
CA HIS D 294 2.62 1.93 4.41
C HIS D 294 1.44 2.15 3.46
N LYS D 295 1.36 1.31 2.42
CA LYS D 295 0.31 1.42 1.42
C LYS D 295 -0.96 0.82 1.99
N SER D 296 -1.83 1.67 2.53
CA SER D 296 -3.09 1.26 3.14
C SER D 296 -4.25 1.59 2.20
N ALA D 297 -5.45 1.17 2.61
CA ALA D 297 -6.64 1.55 1.87
C ALA D 297 -6.84 3.06 1.89
N ALA D 298 -6.43 3.72 2.98
CA ALA D 298 -6.50 5.17 3.04
C ALA D 298 -5.54 5.81 2.04
N VAL D 299 -4.30 5.32 1.99
CA VAL D 299 -3.36 5.81 0.98
C VAL D 299 -3.93 5.58 -0.41
N ASN D 300 -4.47 4.38 -0.65
CA ASN D 300 -4.97 4.04 -1.99
C ASN D 300 -6.16 4.90 -2.39
N SER D 301 -6.99 5.30 -1.42
CA SER D 301 -8.16 6.11 -1.75
C SER D 301 -7.78 7.47 -2.34
N LEU D 302 -6.63 8.00 -1.93
CA LEU D 302 -6.14 9.25 -2.52
C LEU D 302 -5.77 9.06 -3.99
N GLU D 303 -5.17 7.91 -4.32
CA GLU D 303 -4.85 7.64 -5.71
C GLU D 303 -6.11 7.38 -6.54
N VAL D 304 -7.07 6.64 -5.97
CA VAL D 304 -8.33 6.43 -6.66
C VAL D 304 -9.03 7.76 -6.93
N LEU D 305 -8.93 8.69 -5.98
CA LEU D 305 -9.52 10.00 -6.18
C LEU D 305 -8.87 10.72 -7.36
N ALA D 306 -7.55 10.60 -7.51
CA ALA D 306 -6.87 11.19 -8.66
C ALA D 306 -7.36 10.56 -9.96
N GLN D 307 -7.51 9.23 -9.97
CA GLN D 307 -8.03 8.55 -11.15
C GLN D 307 -9.42 9.07 -11.50
N MET D 308 -10.31 9.17 -10.51
CA MET D 308 -11.67 9.62 -10.77
C MET D 308 -11.68 11.04 -11.32
N LEU D 309 -10.85 11.93 -10.76
CA LEU D 309 -10.76 13.29 -11.26
C LEU D 309 -10.40 13.30 -12.74
N LYS D 310 -9.53 12.38 -13.17
CA LYS D 310 -9.15 12.32 -14.58
C LYS D 310 -10.27 11.70 -15.43
N ARG D 311 -10.88 10.63 -14.94
CA ARG D 311 -11.90 9.94 -15.73
C ARG D 311 -13.20 10.74 -15.76
N ASP D 312 -13.54 11.42 -14.66
CA ASP D 312 -14.81 12.15 -14.58
C ASP D 312 -14.64 13.58 -15.08
N THR D 313 -14.00 14.44 -14.27
CA THR D 313 -13.89 15.86 -14.57
C THR D 313 -12.85 16.17 -15.64
N GLY D 314 -12.15 15.18 -16.16
CA GLY D 314 -11.16 15.42 -17.19
C GLY D 314 -9.96 16.21 -16.73
N LEU D 315 -9.58 16.07 -15.46
CA LEU D 315 -8.46 16.81 -14.90
C LEU D 315 -7.23 15.91 -14.85
N ASP D 316 -6.17 16.31 -15.54
CA ASP D 316 -4.94 15.53 -15.63
C ASP D 316 -3.96 16.05 -14.59
N LEU D 317 -3.82 15.32 -13.49
CA LEU D 317 -2.86 15.68 -12.45
C LEU D 317 -1.47 15.15 -12.74
N GLY D 318 -1.35 14.18 -13.64
CA GLY D 318 -0.05 13.65 -14.03
C GLY D 318 0.68 14.59 -14.99
#